data_6W7L
#
_entry.id   6W7L
#
_cell.length_a   50.032
_cell.length_b   105.817
_cell.length_c   194.211
_cell.angle_alpha   90.000
_cell.angle_beta   90.000
_cell.angle_gamma   90.000
#
_symmetry.space_group_name_H-M   'P 21 21 21'
#
loop_
_entity.id
_entity.type
_entity.pdbx_description
1 polymer 'Tyrosyl-DNA phosphodiesterase 1'
2 non-polymer '4-[(2-phenylimidazo[1,2-a]pyrazin-3-yl)amino]benzene-1,2-dicarboxylic acid'
3 non-polymer 1,2-ETHANEDIOL
4 water water
#
_entity_poly.entity_id   1
_entity_poly.type   'polypeptide(L)'
_entity_poly.pdbx_seq_one_letter_code
;SGEGQDIWDMLDKGNPFQFYLTRVSGVKPKYNSGALHIKDILSPLFGTLVSSAQFNYCFDVDWLVKQYPPEFRKKPILLV
HGDKREAKAHLHAQAKPYENISLCQAKLDIAFGTHHTKMMLLLYEEGLRVVIHTSNLIHADWHQKTQGIWLSPLYPRIAD
GTHKSGESPTHFKADLISYLMAYNAPSLKEWIDVIHKHDLSETNVYLIGSTPGRFQGSQKDNWGHFRLKKLLKDHASSMP
NAESWPVVGQFSSVGSLGADESKWLCSEFKESMLTLGKESKTPGKSSVPLYLIYPSVENVRTSLEGYPAGGSLPYSIQTA
EKQNWLHSYFHKWSAETSGRSNAMPHIKTYMRPSPDFSKIAWFLVTSANLSKAAWGALEKNGTQLMIRSYELGVLFLPSA
FGLDSFKVKQKFFAGSQEPMATFPVPYDLPPELYGSKDRPWIWNIPYVKAPDTHGNMWVPS
;
_entity_poly.pdbx_strand_id   A,B
#
loop_
_chem_comp.id
_chem_comp.type
_chem_comp.name
_chem_comp.formula
EDO non-polymer 1,2-ETHANEDIOL 'C2 H6 O2'
TGV non-polymer '4-[(2-phenylimidazo[1,2-a]pyrazin-3-yl)amino]benzene-1,2-dicarboxylic acid' 'C20 H14 N4 O4'
#
# COMPACT_ATOMS: atom_id res chain seq x y z
N ASN A 15 -16.36 3.65 -18.11
CA ASN A 15 -15.16 4.21 -17.50
C ASN A 15 -15.00 3.76 -16.05
N PRO A 16 -13.77 3.43 -15.66
CA PRO A 16 -13.47 3.24 -14.24
C PRO A 16 -12.97 4.48 -13.52
N PHE A 17 -12.81 5.63 -14.21
CA PHE A 17 -12.02 6.71 -13.64
C PHE A 17 -12.83 7.69 -12.81
N GLN A 18 -14.11 7.90 -13.16
CA GLN A 18 -15.00 8.77 -12.39
C GLN A 18 -14.45 10.20 -12.33
N PHE A 19 -13.87 10.63 -13.43
CA PHE A 19 -13.38 12.00 -13.60
C PHE A 19 -14.38 12.73 -14.48
N TYR A 20 -14.90 13.85 -13.98
CA TYR A 20 -15.97 14.60 -14.65
C TYR A 20 -15.56 16.06 -14.79
N LEU A 21 -16.12 16.72 -15.77
CA LEU A 21 -16.10 18.17 -15.87
C LEU A 21 -17.42 18.73 -15.38
N THR A 22 -17.39 19.99 -14.93
CA THR A 22 -18.61 20.68 -14.59
C THR A 22 -19.35 21.11 -15.85
N ARG A 23 -20.65 21.30 -15.71
CA ARG A 23 -21.49 21.77 -16.80
C ARG A 23 -21.10 23.21 -17.19
N VAL A 24 -21.11 23.49 -18.50
CA VAL A 24 -20.79 24.82 -19.03
C VAL A 24 -22.02 25.38 -19.72
N SER A 25 -22.51 26.52 -19.25
CA SER A 25 -23.69 27.16 -19.83
C SER A 25 -23.35 27.81 -21.18
N GLY A 26 -24.06 27.42 -22.22
CA GLY A 26 -23.89 28.01 -23.53
C GLY A 26 -23.20 27.15 -24.57
N VAL A 27 -22.73 25.96 -24.21
CA VAL A 27 -22.21 25.05 -25.23
C VAL A 27 -23.35 24.10 -25.63
N LYS A 28 -23.17 23.43 -26.78
CA LYS A 28 -24.21 22.53 -27.26
C LYS A 28 -24.40 21.38 -26.26
N PRO A 29 -25.62 20.85 -26.15
CA PRO A 29 -25.89 19.77 -25.19
C PRO A 29 -24.92 18.59 -25.27
N LYS A 30 -24.36 18.30 -26.44
CA LYS A 30 -23.46 17.16 -26.54
C LYS A 30 -22.23 17.34 -25.65
N TYR A 31 -21.82 18.58 -25.39
CA TYR A 31 -20.64 18.81 -24.55
C TYR A 31 -20.96 18.85 -23.06
N ASN A 32 -22.23 18.75 -22.67
CA ASN A 32 -22.61 18.68 -21.26
C ASN A 32 -23.18 17.32 -20.86
N SER A 33 -23.27 16.37 -21.78
CA SER A 33 -24.07 15.17 -21.51
C SER A 33 -23.51 14.37 -20.33
N GLY A 34 -22.20 14.17 -20.29
CA GLY A 34 -21.62 13.51 -19.15
C GLY A 34 -20.95 14.43 -18.16
N ALA A 35 -21.38 15.69 -18.11
CA ALA A 35 -20.84 16.66 -17.16
C ALA A 35 -21.74 16.76 -15.94
N LEU A 36 -21.22 17.34 -14.87
CA LEU A 36 -21.92 17.39 -13.60
C LEU A 36 -22.02 18.82 -13.09
N HIS A 37 -23.23 19.21 -12.68
CA HIS A 37 -23.44 20.44 -11.93
C HIS A 37 -23.51 20.11 -10.44
N ILE A 38 -23.31 21.13 -9.61
CA ILE A 38 -23.32 20.89 -8.15
C ILE A 38 -24.68 20.38 -7.67
N LYS A 39 -25.77 20.84 -8.30
CA LYS A 39 -27.09 20.29 -7.97
C LYS A 39 -27.18 18.79 -8.28
N ASP A 40 -26.46 18.33 -9.31
CA ASP A 40 -26.42 16.88 -9.60
C ASP A 40 -25.71 16.11 -8.49
N ILE A 41 -24.55 16.63 -8.05
CA ILE A 41 -23.74 15.97 -7.03
C ILE A 41 -24.51 15.85 -5.72
N LEU A 42 -25.31 16.85 -5.39
CA LEU A 42 -26.03 16.86 -4.11
C LEU A 42 -27.44 16.28 -4.23
N SER A 43 -27.81 15.76 -5.40
N SER A 43 -27.83 15.78 -5.39
CA SER A 43 -29.17 15.29 -5.62
CA SER A 43 -29.19 15.31 -5.58
C SER A 43 -29.45 14.04 -4.78
C SER A 43 -29.43 14.02 -4.79
N PRO A 44 -30.72 13.77 -4.46
N PRO A 44 -30.69 13.74 -4.42
CA PRO A 44 -31.05 12.53 -3.74
CA PRO A 44 -30.97 12.49 -3.70
C PRO A 44 -30.67 11.27 -4.52
C PRO A 44 -30.65 11.25 -4.51
N LEU A 45 -30.52 11.34 -5.84
CA LEU A 45 -30.06 10.20 -6.62
C LEU A 45 -28.69 9.71 -6.19
N PHE A 46 -27.88 10.56 -5.59
CA PHE A 46 -26.54 10.19 -5.13
C PHE A 46 -26.52 9.66 -3.71
N GLY A 47 -27.57 9.89 -2.95
CA GLY A 47 -27.64 9.36 -1.59
C GLY A 47 -28.52 10.24 -0.74
N THR A 48 -29.04 9.66 0.33
CA THR A 48 -29.91 10.39 1.26
C THR A 48 -29.03 11.07 2.29
N LEU A 49 -28.86 12.37 2.12
CA LEU A 49 -27.89 13.13 2.89
C LEU A 49 -28.29 13.22 4.36
N VAL A 50 -27.33 12.90 5.22
N VAL A 50 -27.33 13.04 5.26
CA VAL A 50 -27.41 13.12 6.66
CA VAL A 50 -27.53 13.32 6.68
C VAL A 50 -26.70 14.41 7.06
C VAL A 50 -26.54 14.32 7.25
N SER A 51 -25.44 14.55 6.64
N SER A 51 -25.42 14.59 6.56
CA SER A 51 -24.66 15.74 6.89
CA SER A 51 -24.44 15.56 7.02
C SER A 51 -23.57 15.84 5.82
C SER A 51 -23.42 15.75 5.91
N SER A 52 -22.88 16.97 5.80
CA SER A 52 -21.87 17.22 4.77
C SER A 52 -20.81 18.17 5.31
N ALA A 53 -19.58 18.01 4.79
CA ALA A 53 -18.51 18.98 5.02
C ALA A 53 -18.12 19.58 3.67
N GLN A 54 -17.97 20.90 3.62
CA GLN A 54 -17.58 21.60 2.38
C GLN A 54 -16.24 22.29 2.66
N PHE A 55 -15.15 21.73 2.13
CA PHE A 55 -13.83 22.35 2.20
C PHE A 55 -13.68 23.25 0.98
N ASN A 56 -13.28 24.51 1.18
CA ASN A 56 -13.09 25.36 0.02
C ASN A 56 -12.30 26.62 0.40
N TYR A 57 -12.11 27.47 -0.60
CA TYR A 57 -11.51 28.79 -0.46
C TYR A 57 -12.54 29.91 -0.34
N CYS A 58 -13.46 30.01 -1.30
CA CYS A 58 -14.47 31.06 -1.36
C CYS A 58 -15.87 30.44 -1.26
N PHE A 59 -16.76 31.08 -0.51
CA PHE A 59 -18.13 30.60 -0.33
C PHE A 59 -19.12 31.74 -0.55
N ASP A 60 -20.21 31.44 -1.28
CA ASP A 60 -21.43 32.24 -1.28
C ASP A 60 -22.47 31.35 -0.59
N VAL A 61 -22.70 31.62 0.70
CA VAL A 61 -23.47 30.68 1.52
C VAL A 61 -24.92 30.62 1.07
N ASP A 62 -25.52 31.78 0.76
N ASP A 62 -25.53 31.78 0.77
CA ASP A 62 -26.90 31.80 0.25
CA ASP A 62 -26.89 31.81 0.23
C ASP A 62 -27.02 30.93 -1.00
C ASP A 62 -27.01 30.93 -1.00
N TRP A 63 -26.09 31.09 -1.94
CA TRP A 63 -26.12 30.30 -3.17
C TRP A 63 -25.90 28.82 -2.86
N LEU A 64 -24.91 28.52 -2.01
CA LEU A 64 -24.59 27.13 -1.68
C LEU A 64 -25.79 26.39 -1.11
N VAL A 65 -26.50 27.00 -0.16
CA VAL A 65 -27.61 26.28 0.46
C VAL A 65 -28.69 25.98 -0.58
N LYS A 66 -28.90 26.91 -1.52
CA LYS A 66 -29.87 26.66 -2.59
C LYS A 66 -29.46 25.54 -3.53
N GLN A 67 -28.18 25.12 -3.54
CA GLN A 67 -27.78 23.99 -4.38
C GLN A 67 -28.11 22.64 -3.75
N TYR A 68 -28.36 22.59 -2.44
CA TYR A 68 -28.83 21.37 -1.84
C TYR A 68 -30.31 21.16 -2.18
N PRO A 69 -30.78 19.92 -2.28
CA PRO A 69 -32.21 19.69 -2.52
C PRO A 69 -33.02 20.20 -1.34
N PRO A 70 -34.19 20.78 -1.59
CA PRO A 70 -34.95 21.42 -0.48
C PRO A 70 -35.08 20.53 0.74
N GLU A 71 -35.31 19.24 0.54
CA GLU A 71 -35.48 18.31 1.66
C GLU A 71 -34.20 18.13 2.48
N PHE A 72 -33.04 18.47 1.93
CA PHE A 72 -31.77 18.32 2.64
C PHE A 72 -31.22 19.64 3.17
N ARG A 73 -31.95 20.75 3.01
CA ARG A 73 -31.36 22.06 3.26
C ARG A 73 -31.14 22.37 4.74
N LYS A 74 -31.72 21.61 5.65
CA LYS A 74 -31.52 21.85 7.07
C LYS A 74 -30.59 20.83 7.71
N LYS A 75 -30.08 19.87 6.93
CA LYS A 75 -29.09 18.95 7.45
C LYS A 75 -27.81 19.69 7.81
N PRO A 76 -27.02 19.18 8.75
CA PRO A 76 -25.81 19.88 9.16
C PRO A 76 -24.83 20.04 8.02
N ILE A 77 -24.19 21.21 7.97
CA ILE A 77 -23.13 21.52 7.02
C ILE A 77 -21.97 22.12 7.80
N LEU A 78 -20.77 21.61 7.53
CA LEU A 78 -19.54 22.19 8.06
C LEU A 78 -18.79 22.87 6.91
N LEU A 79 -18.47 24.15 7.08
CA LEU A 79 -17.68 24.87 6.10
C LEU A 79 -16.24 24.96 6.63
N VAL A 80 -15.30 24.39 5.87
CA VAL A 80 -13.88 24.39 6.26
C VAL A 80 -13.19 25.45 5.42
N HIS A 81 -12.68 26.51 6.06
CA HIS A 81 -12.16 27.68 5.36
C HIS A 81 -10.83 28.10 5.98
N GLY A 82 -10.16 29.07 5.35
CA GLY A 82 -8.91 29.58 5.89
C GLY A 82 -8.92 31.07 6.18
N ASP A 83 -10.12 31.66 6.23
CA ASP A 83 -10.26 33.11 6.37
C ASP A 83 -9.93 33.58 7.79
N LYS A 84 -9.38 34.80 7.87
CA LYS A 84 -8.97 35.44 9.12
C LYS A 84 -9.58 36.82 9.22
N ARG A 85 -9.58 37.36 10.44
CA ARG A 85 -9.89 38.77 10.75
C ARG A 85 -11.21 39.15 10.08
N GLU A 86 -11.25 40.22 9.27
CA GLU A 86 -12.53 40.71 8.76
C GLU A 86 -13.16 39.74 7.76
N ALA A 87 -12.34 39.13 6.90
CA ALA A 87 -12.82 38.09 6.00
C ALA A 87 -13.52 36.98 6.77
N LYS A 88 -12.94 36.55 7.89
CA LYS A 88 -13.59 35.53 8.72
C LYS A 88 -14.92 36.04 9.24
N ALA A 89 -14.94 37.28 9.75
CA ALA A 89 -16.19 37.86 10.21
C ALA A 89 -17.25 37.89 9.11
N HIS A 90 -16.85 38.19 7.87
CA HIS A 90 -17.82 38.26 6.77
C HIS A 90 -18.41 36.89 6.49
N LEU A 91 -17.59 35.85 6.52
CA LEU A 91 -18.11 34.50 6.32
C LEU A 91 -19.05 34.09 7.45
N HIS A 92 -18.67 34.37 8.70
CA HIS A 92 -19.55 34.09 9.82
C HIS A 92 -20.90 34.77 9.67
N ALA A 93 -20.90 36.01 9.16
CA ALA A 93 -22.16 36.73 8.97
C ALA A 93 -23.00 36.09 7.87
N GLN A 94 -22.36 35.62 6.80
CA GLN A 94 -23.08 34.92 5.74
C GLN A 94 -23.77 33.68 6.27
N ALA A 95 -23.13 32.98 7.22
CA ALA A 95 -23.60 31.70 7.73
C ALA A 95 -24.61 31.86 8.86
N LYS A 96 -24.59 32.99 9.54
CA LYS A 96 -25.42 33.19 10.73
C LYS A 96 -26.91 32.95 10.50
N PRO A 97 -27.52 33.34 9.37
CA PRO A 97 -28.94 33.01 9.17
C PRO A 97 -29.25 31.51 9.08
N TYR A 98 -28.25 30.64 8.97
CA TYR A 98 -28.50 29.19 8.83
C TYR A 98 -27.95 28.47 10.04
N GLU A 99 -28.85 28.12 10.96
CA GLU A 99 -28.46 27.50 12.22
C GLU A 99 -27.79 26.13 12.04
N ASN A 100 -28.06 25.44 10.96
CA ASN A 100 -27.42 24.14 10.69
C ASN A 100 -26.00 24.25 10.16
N ILE A 101 -25.47 25.45 9.93
CA ILE A 101 -24.14 25.62 9.35
C ILE A 101 -23.14 25.91 10.46
N SER A 102 -22.11 25.09 10.54
N SER A 102 -22.09 25.12 10.53
CA SER A 102 -20.95 25.29 11.40
CA SER A 102 -20.97 25.39 11.41
C SER A 102 -19.74 25.64 10.53
C SER A 102 -19.71 25.58 10.57
N LEU A 103 -18.74 26.27 11.16
CA LEU A 103 -17.52 26.69 10.47
C LEU A 103 -16.30 26.17 11.19
N CYS A 104 -15.28 25.81 10.41
CA CYS A 104 -13.99 25.39 10.93
C CYS A 104 -12.91 26.21 10.23
N GLN A 105 -12.15 26.98 11.02
CA GLN A 105 -11.07 27.80 10.48
C GLN A 105 -9.78 26.99 10.47
N ALA A 106 -9.28 26.68 9.27
CA ALA A 106 -8.03 25.95 9.14
C ALA A 106 -6.88 26.86 9.58
N LYS A 107 -6.04 26.35 10.48
CA LYS A 107 -4.90 27.15 10.93
C LYS A 107 -3.92 27.36 9.78
N LEU A 108 -3.45 28.60 9.63
CA LEU A 108 -2.50 28.96 8.58
C LEU A 108 -1.34 29.67 9.27
N ASP A 109 -0.46 28.90 9.90
CA ASP A 109 0.58 29.39 10.80
C ASP A 109 1.83 29.87 10.06
N ILE A 110 1.91 29.67 8.75
CA ILE A 110 3.01 30.19 7.95
C ILE A 110 2.47 31.33 7.10
N ALA A 111 3.23 32.42 7.03
CA ALA A 111 2.76 33.61 6.34
C ALA A 111 2.49 33.33 4.87
N PHE A 112 1.45 33.98 4.34
CA PHE A 112 1.13 33.97 2.92
C PHE A 112 0.61 32.61 2.44
N GLY A 113 0.02 31.82 3.33
CA GLY A 113 -0.63 30.59 2.95
C GLY A 113 -2.13 30.77 2.75
N THR A 114 -2.73 29.75 2.16
CA THR A 114 -4.11 29.81 1.73
C THR A 114 -4.71 28.42 1.92
N HIS A 115 -6.01 28.37 2.21
CA HIS A 115 -6.71 27.09 2.23
C HIS A 115 -7.40 26.92 0.86
N HIS A 116 -6.71 26.23 -0.07
CA HIS A 116 -7.20 26.02 -1.44
C HIS A 116 -7.96 24.71 -1.63
N THR A 117 -7.82 23.76 -0.71
CA THR A 117 -8.44 22.45 -0.86
C THR A 117 -9.94 22.57 -1.11
N LYS A 118 -10.42 21.82 -2.10
CA LYS A 118 -11.82 21.81 -2.50
C LYS A 118 -12.30 20.36 -2.47
N MET A 119 -13.15 20.04 -1.50
CA MET A 119 -13.54 18.67 -1.24
C MET A 119 -14.92 18.68 -0.62
N MET A 120 -15.74 17.68 -0.96
CA MET A 120 -16.99 17.46 -0.25
C MET A 120 -16.92 16.12 0.45
N LEU A 121 -17.30 16.09 1.72
CA LEU A 121 -17.56 14.84 2.43
C LEU A 121 -19.06 14.76 2.63
N LEU A 122 -19.67 13.69 2.13
CA LEU A 122 -21.12 13.57 2.06
C LEU A 122 -21.50 12.29 2.77
N LEU A 123 -22.10 12.42 3.97
CA LEU A 123 -22.54 11.28 4.75
C LEU A 123 -24.00 10.99 4.44
N TYR A 124 -24.29 9.77 4.02
CA TYR A 124 -25.64 9.36 3.68
C TYR A 124 -26.14 8.31 4.65
N GLU A 125 -27.45 8.04 4.55
CA GLU A 125 -28.02 6.84 5.15
C GLU A 125 -27.34 5.58 4.61
N GLU A 126 -27.05 5.58 3.31
CA GLU A 126 -26.56 4.42 2.57
C GLU A 126 -25.05 4.26 2.63
N GLY A 127 -24.31 5.28 3.05
CA GLY A 127 -22.85 5.18 3.06
C GLY A 127 -22.23 6.57 3.08
N LEU A 128 -21.02 6.65 2.55
CA LEU A 128 -20.26 7.89 2.55
C LEU A 128 -19.66 8.11 1.17
N ARG A 129 -19.62 9.36 0.72
CA ARG A 129 -18.98 9.70 -0.54
C ARG A 129 -18.01 10.84 -0.33
N VAL A 130 -16.89 10.78 -1.05
CA VAL A 130 -15.87 11.83 -1.08
C VAL A 130 -15.84 12.44 -2.48
N VAL A 131 -15.82 13.77 -2.54
CA VAL A 131 -15.79 14.50 -3.81
C VAL A 131 -14.58 15.42 -3.74
N ILE A 132 -13.63 15.24 -4.65
CA ILE A 132 -12.48 16.14 -4.67
C ILE A 132 -12.52 16.88 -6.00
N HIS A 133 -12.49 18.20 -5.95
CA HIS A 133 -12.82 18.97 -7.15
C HIS A 133 -12.04 20.28 -7.14
N THR A 134 -12.37 21.17 -8.08
CA THR A 134 -11.57 22.36 -8.30
C THR A 134 -12.37 23.67 -8.23
N SER A 135 -13.68 23.65 -8.00
CA SER A 135 -14.48 24.88 -8.04
C SER A 135 -14.70 25.48 -6.67
N ASN A 136 -14.64 26.82 -6.59
CA ASN A 136 -15.14 27.52 -5.41
C ASN A 136 -16.65 27.38 -5.34
N LEU A 137 -17.22 27.63 -4.16
CA LEU A 137 -18.65 27.50 -3.93
C LEU A 137 -19.37 28.83 -4.18
N ILE A 138 -19.26 29.29 -5.43
CA ILE A 138 -19.90 30.52 -5.89
C ILE A 138 -20.46 30.27 -7.28
N HIS A 139 -21.48 31.07 -7.66
CA HIS A 139 -22.18 30.83 -8.92
C HIS A 139 -21.23 30.82 -10.12
N ALA A 140 -20.29 31.77 -10.19
CA ALA A 140 -19.44 31.91 -11.37
C ALA A 140 -18.53 30.71 -11.61
N ASP A 141 -18.11 30.02 -10.55
CA ASP A 141 -17.19 28.91 -10.76
C ASP A 141 -17.87 27.70 -11.36
N TRP A 142 -19.21 27.63 -11.35
CA TRP A 142 -19.93 26.50 -11.93
C TRP A 142 -20.69 26.91 -13.17
N HIS A 143 -20.43 28.10 -13.71
CA HIS A 143 -21.23 28.63 -14.80
C HIS A 143 -20.58 28.37 -16.16
N GLN A 144 -19.47 29.04 -16.44
CA GLN A 144 -18.83 28.91 -17.76
C GLN A 144 -17.33 28.67 -17.64
N LYS A 145 -16.91 27.93 -16.63
CA LYS A 145 -15.50 27.58 -16.46
C LYS A 145 -15.28 26.10 -16.74
N THR A 146 -14.04 25.77 -17.12
CA THR A 146 -13.59 24.38 -17.14
C THR A 146 -13.10 24.01 -15.74
N GLN A 147 -13.83 23.10 -15.07
CA GLN A 147 -13.50 22.62 -13.73
C GLN A 147 -13.52 21.10 -13.74
N GLY A 148 -12.80 20.48 -12.80
CA GLY A 148 -12.70 19.03 -12.73
C GLY A 148 -13.25 18.50 -11.42
N ILE A 149 -13.80 17.28 -11.47
CA ILE A 149 -14.42 16.60 -10.34
C ILE A 149 -13.99 15.14 -10.33
N TRP A 150 -13.54 14.64 -9.17
CA TRP A 150 -13.41 13.21 -8.94
C TRP A 150 -14.49 12.78 -7.95
N LEU A 151 -15.27 11.78 -8.33
CA LEU A 151 -16.33 11.24 -7.47
C LEU A 151 -15.90 9.88 -6.93
N SER A 152 -15.89 9.74 -5.61
CA SER A 152 -15.60 8.42 -5.07
C SER A 152 -16.79 7.48 -5.26
N PRO A 153 -16.56 6.18 -5.16
CA PRO A 153 -17.69 5.24 -5.02
C PRO A 153 -18.47 5.55 -3.76
N LEU A 154 -19.70 5.03 -3.70
CA LEU A 154 -20.45 4.99 -2.45
C LEU A 154 -19.79 3.99 -1.50
N TYR A 155 -19.19 4.50 -0.44
CA TYR A 155 -18.48 3.65 0.51
C TYR A 155 -19.46 3.10 1.53
N PRO A 156 -19.62 1.78 1.66
CA PRO A 156 -20.56 1.26 2.65
C PRO A 156 -20.03 1.37 4.08
N ARG A 157 -20.97 1.40 5.02
CA ARG A 157 -20.57 1.37 6.42
C ARG A 157 -20.07 -0.01 6.82
N ILE A 158 -19.09 -0.03 7.72
CA ILE A 158 -18.60 -1.28 8.30
C ILE A 158 -19.50 -1.64 9.48
N ALA A 159 -19.92 -2.90 9.54
CA ALA A 159 -20.89 -3.33 10.55
C ALA A 159 -20.33 -3.21 11.96
N ASP A 160 -21.21 -2.86 12.90
CA ASP A 160 -20.86 -2.93 14.32
C ASP A 160 -20.33 -4.31 14.69
N GLY A 161 -19.25 -4.34 15.47
CA GLY A 161 -18.63 -5.59 15.84
C GLY A 161 -17.72 -6.20 14.81
N THR A 162 -17.77 -5.73 13.56
CA THR A 162 -16.84 -6.19 12.54
C THR A 162 -15.55 -5.38 12.61
N HIS A 163 -14.42 -6.07 12.58
CA HIS A 163 -13.09 -5.47 12.60
C HIS A 163 -12.46 -5.70 11.23
N LYS A 164 -12.52 -4.68 10.38
CA LYS A 164 -11.86 -4.70 9.08
C LYS A 164 -11.13 -3.38 8.91
N SER A 165 -10.11 -3.36 8.06
CA SER A 165 -9.41 -2.09 7.82
C SER A 165 -10.26 -1.15 6.96
N GLY A 166 -11.01 -1.70 6.01
CA GLY A 166 -11.66 -0.82 5.05
C GLY A 166 -10.70 -0.06 4.15
N GLU A 167 -9.45 -0.51 4.05
CA GLU A 167 -8.40 0.19 3.34
C GLU A 167 -8.31 -0.27 1.89
N SER A 168 -7.91 0.66 0.98
CA SER A 168 -7.70 0.33 -0.43
C SER A 168 -6.24 0.01 -0.71
N PRO A 169 -5.92 -0.62 -1.86
CA PRO A 169 -4.51 -0.82 -2.22
C PRO A 169 -3.74 0.49 -2.40
N THR A 170 -4.41 1.59 -2.69
CA THR A 170 -3.75 2.89 -2.78
C THR A 170 -3.59 3.59 -1.42
N HIS A 171 -4.02 2.96 -0.33
CA HIS A 171 -3.91 3.54 1.01
C HIS A 171 -4.74 4.80 1.17
N PHE A 172 -5.79 4.97 0.35
CA PHE A 172 -6.57 6.22 0.36
C PHE A 172 -7.19 6.52 1.73
N LYS A 173 -7.67 5.48 2.42
CA LYS A 173 -8.39 5.73 3.67
C LYS A 173 -7.44 6.32 4.71
N ALA A 174 -6.30 5.65 4.91
CA ALA A 174 -5.28 6.17 5.81
C ALA A 174 -4.76 7.54 5.36
N ASP A 175 -4.60 7.76 4.06
CA ASP A 175 -4.04 9.05 3.62
C ASP A 175 -5.06 10.19 3.80
N LEU A 176 -6.34 9.93 3.56
CA LEU A 176 -7.35 10.95 3.83
C LEU A 176 -7.44 11.30 5.32
N ILE A 177 -7.41 10.29 6.19
CA ILE A 177 -7.44 10.54 7.63
C ILE A 177 -6.23 11.36 8.04
N SER A 178 -5.06 11.02 7.49
N SER A 178 -5.06 11.01 7.51
CA SER A 178 -3.83 11.77 7.81
CA SER A 178 -3.84 11.76 7.81
C SER A 178 -3.94 13.22 7.37
C SER A 178 -3.95 13.22 7.37
N TYR A 179 -4.57 13.46 6.22
CA TYR A 179 -4.76 14.82 5.75
C TYR A 179 -5.67 15.60 6.70
N LEU A 180 -6.76 14.99 7.15
CA LEU A 180 -7.67 15.64 8.09
C LEU A 180 -7.03 15.84 9.46
N MET A 181 -6.21 14.88 9.90
N MET A 181 -6.21 14.87 9.89
CA MET A 181 -5.56 15.00 11.20
CA MET A 181 -5.54 14.98 11.18
C MET A 181 -4.68 16.24 11.26
C MET A 181 -4.67 16.23 11.26
N ALA A 182 -4.12 16.66 10.12
CA ALA A 182 -3.21 17.80 10.09
C ALA A 182 -3.88 19.11 10.47
N TYR A 183 -5.22 19.22 10.33
CA TYR A 183 -5.92 20.42 10.77
C TYR A 183 -5.95 20.56 12.29
N ASN A 184 -5.89 19.45 13.01
N ASN A 184 -5.87 19.45 13.03
CA ASN A 184 -5.98 19.44 14.48
CA ASN A 184 -5.98 19.46 14.48
C ASN A 184 -7.26 20.13 14.94
C ASN A 184 -7.26 20.15 14.94
N ALA A 185 -8.36 19.78 14.30
CA ALA A 185 -9.64 20.47 14.50
C ALA A 185 -10.70 19.53 15.04
N PRO A 186 -11.46 19.93 16.07
CA PRO A 186 -12.47 19.01 16.62
C PRO A 186 -13.59 18.67 15.65
N SER A 187 -14.06 19.63 14.84
CA SER A 187 -15.12 19.31 13.89
C SER A 187 -14.63 18.28 12.87
N LEU A 188 -13.33 18.25 12.58
CA LEU A 188 -12.83 17.26 11.63
C LEU A 188 -12.47 15.94 12.27
N LYS A 189 -12.22 15.91 13.59
CA LYS A 189 -12.11 14.62 14.27
C LYS A 189 -13.43 13.85 14.19
N GLU A 190 -14.56 14.57 14.23
CA GLU A 190 -15.85 13.92 14.03
C GLU A 190 -15.92 13.24 12.66
N TRP A 191 -15.42 13.90 11.62
CA TRP A 191 -15.41 13.30 10.29
C TRP A 191 -14.38 12.19 10.15
N ILE A 192 -13.25 12.31 10.85
CA ILE A 192 -12.30 11.20 10.89
C ILE A 192 -12.95 9.94 11.44
N ASP A 193 -13.74 10.09 12.51
CA ASP A 193 -14.44 8.95 13.10
C ASP A 193 -15.46 8.36 12.13
N VAL A 194 -16.15 9.21 11.35
CA VAL A 194 -17.04 8.73 10.30
C VAL A 194 -16.27 7.91 9.27
N ILE A 195 -15.14 8.44 8.80
CA ILE A 195 -14.36 7.72 7.79
C ILE A 195 -13.87 6.39 8.33
N HIS A 196 -13.48 6.34 9.61
CA HIS A 196 -13.02 5.07 10.21
C HIS A 196 -14.11 4.00 10.09
N LYS A 197 -15.38 4.39 10.25
CA LYS A 197 -16.50 3.44 10.22
C LYS A 197 -16.91 3.01 8.81
N HIS A 198 -16.25 3.49 7.75
CA HIS A 198 -16.65 3.12 6.40
C HIS A 198 -15.56 2.34 5.67
N ASP A 199 -15.99 1.60 4.65
CA ASP A 199 -15.13 0.71 3.87
C ASP A 199 -14.76 1.40 2.56
N LEU A 200 -13.51 1.86 2.46
CA LEU A 200 -13.03 2.60 1.28
C LEU A 200 -12.13 1.73 0.42
N SER A 201 -12.24 0.40 0.54
CA SER A 201 -11.31 -0.49 -0.15
C SER A 201 -11.43 -0.42 -1.67
N GLU A 202 -12.55 0.06 -2.22
CA GLU A 202 -12.67 0.10 -3.68
C GLU A 202 -11.92 1.26 -4.32
N THR A 203 -11.29 2.14 -3.55
CA THR A 203 -10.70 3.34 -4.11
C THR A 203 -9.47 2.99 -4.94
N ASN A 204 -9.40 3.52 -6.16
N ASN A 204 -9.39 3.52 -6.16
CA ASN A 204 -8.31 3.23 -7.08
CA ASN A 204 -8.23 3.23 -7.01
C ASN A 204 -7.41 4.44 -7.37
C ASN A 204 -7.58 4.52 -7.50
N VAL A 205 -7.62 5.57 -6.69
CA VAL A 205 -6.77 6.75 -6.87
C VAL A 205 -5.90 6.92 -5.62
N TYR A 206 -4.79 7.64 -5.79
CA TYR A 206 -3.91 8.04 -4.70
C TYR A 206 -4.19 9.49 -4.33
N LEU A 207 -4.18 9.77 -3.03
CA LEU A 207 -4.41 11.13 -2.56
C LEU A 207 -3.06 11.85 -2.49
N ILE A 208 -3.03 13.08 -2.98
CA ILE A 208 -1.83 13.90 -2.90
C ILE A 208 -2.25 15.21 -2.25
N GLY A 209 -1.82 15.42 -1.02
CA GLY A 209 -2.16 16.66 -0.35
C GLY A 209 -0.99 17.54 0.01
N SER A 210 -1.32 18.80 0.29
CA SER A 210 -0.39 19.74 0.86
C SER A 210 -1.00 20.23 2.16
N THR A 211 -0.17 20.40 3.18
N THR A 211 -0.18 20.37 3.19
CA THR A 211 -0.61 21.01 4.44
CA THR A 211 -0.60 21.03 4.41
C THR A 211 0.53 21.90 4.92
C THR A 211 0.52 21.94 4.86
N PRO A 212 0.22 23.01 5.59
CA PRO A 212 1.29 23.93 6.01
C PRO A 212 2.25 23.31 7.00
N GLY A 213 3.52 23.63 6.84
CA GLY A 213 4.49 23.20 7.82
C GLY A 213 5.88 23.06 7.23
N ARG A 214 6.78 22.55 8.06
N ARG A 214 6.79 22.57 8.06
CA ARG A 214 8.17 22.32 7.72
CA ARG A 214 8.18 22.33 7.69
C ARG A 214 8.45 20.85 8.00
C ARG A 214 8.48 20.87 7.99
N PHE A 215 8.67 20.07 6.95
CA PHE A 215 8.70 18.62 7.06
C PHE A 215 10.09 18.08 6.77
N GLN A 216 10.61 17.28 7.69
CA GLN A 216 11.90 16.65 7.51
C GLN A 216 11.80 15.18 7.89
N GLY A 217 12.85 14.42 7.56
CA GLY A 217 12.94 13.04 7.99
C GLY A 217 11.84 12.18 7.39
N SER A 218 11.14 11.45 8.26
CA SER A 218 10.10 10.55 7.78
C SER A 218 8.89 11.32 7.21
N GLN A 219 8.72 12.59 7.58
CA GLN A 219 7.56 13.36 7.16
C GLN A 219 7.75 14.07 5.83
N LYS A 220 8.98 14.08 5.29
CA LYS A 220 9.26 14.84 4.08
C LYS A 220 8.51 14.29 2.88
N ASP A 221 8.21 12.98 2.88
CA ASP A 221 7.49 12.33 1.79
C ASP A 221 5.97 12.44 1.93
N ASN A 222 5.45 13.06 2.98
CA ASN A 222 4.01 13.02 3.18
C ASN A 222 3.24 13.95 2.27
N TRP A 223 3.88 15.02 1.76
CA TRP A 223 3.09 16.14 1.22
C TRP A 223 3.77 16.73 -0.01
N GLY A 224 2.96 17.42 -0.82
CA GLY A 224 3.51 18.27 -1.85
C GLY A 224 4.23 17.51 -2.94
N HIS A 225 5.25 18.12 -3.51
CA HIS A 225 5.87 17.46 -4.66
C HIS A 225 6.74 16.27 -4.26
N PHE A 226 7.16 16.18 -3.00
CA PHE A 226 7.84 14.98 -2.52
C PHE A 226 6.87 13.80 -2.34
N ARG A 227 5.61 14.10 -2.00
CA ARG A 227 4.59 13.05 -2.00
C ARG A 227 4.39 12.50 -3.39
N LEU A 228 4.31 13.39 -4.39
CA LEU A 228 4.18 12.95 -5.77
C LEU A 228 5.40 12.13 -6.20
N LYS A 229 6.59 12.62 -5.89
CA LYS A 229 7.83 11.88 -6.17
C LYS A 229 7.79 10.47 -5.59
N LYS A 230 7.42 10.35 -4.31
CA LYS A 230 7.42 9.04 -3.66
C LYS A 230 6.47 8.07 -4.36
N LEU A 231 5.26 8.53 -4.72
CA LEU A 231 4.29 7.67 -5.38
C LEU A 231 4.79 7.23 -6.76
N LEU A 232 5.42 8.14 -7.48
CA LEU A 232 5.89 7.81 -8.82
C LEU A 232 7.08 6.85 -8.75
N LYS A 233 7.89 6.96 -7.70
CA LYS A 233 8.98 6.02 -7.51
C LYS A 233 8.45 4.64 -7.14
N ASP A 234 7.43 4.60 -6.27
CA ASP A 234 6.93 3.34 -5.73
C ASP A 234 5.95 2.62 -6.66
N HIS A 235 5.21 3.33 -7.51
CA HIS A 235 4.09 2.71 -8.21
C HIS A 235 4.04 3.00 -9.69
N ALA A 236 5.04 3.67 -10.24
CA ALA A 236 5.21 3.77 -11.67
C ALA A 236 6.51 3.06 -12.05
N SER A 237 6.62 2.69 -13.31
CA SER A 237 7.83 2.08 -13.82
C SER A 237 8.41 2.95 -14.91
N SER A 238 9.74 2.96 -15.00
CA SER A 238 10.41 3.69 -16.06
C SER A 238 10.33 2.91 -17.36
N MET A 239 10.20 3.62 -18.47
CA MET A 239 10.21 3.01 -19.77
C MET A 239 11.48 3.43 -20.52
N PRO A 240 11.86 2.72 -21.58
CA PRO A 240 12.93 3.24 -22.44
C PRO A 240 12.51 4.58 -23.01
N ASN A 241 13.51 5.37 -23.42
CA ASN A 241 13.29 6.72 -23.95
C ASN A 241 12.40 7.55 -23.02
N ALA A 242 12.47 7.30 -21.70
CA ALA A 242 11.69 8.09 -20.76
C ALA A 242 12.06 9.57 -20.83
N GLU A 243 13.29 9.88 -21.25
CA GLU A 243 13.74 11.26 -21.42
C GLU A 243 12.90 12.02 -22.43
N SER A 244 12.23 11.32 -23.34
CA SER A 244 11.42 11.95 -24.37
C SER A 244 9.97 12.14 -23.96
N TRP A 245 9.56 11.62 -22.79
CA TRP A 245 8.18 11.77 -22.38
C TRP A 245 8.05 13.12 -21.70
N PRO A 246 7.32 14.06 -22.28
CA PRO A 246 7.22 15.39 -21.69
C PRO A 246 6.47 15.37 -20.38
N VAL A 247 6.57 16.49 -19.68
CA VAL A 247 5.73 16.80 -18.53
C VAL A 247 4.83 17.97 -18.92
N VAL A 248 3.56 17.89 -18.54
CA VAL A 248 2.57 18.94 -18.80
C VAL A 248 1.98 19.41 -17.47
N GLY A 249 2.00 20.71 -17.24
CA GLY A 249 1.31 21.32 -16.11
C GLY A 249 0.34 22.38 -16.60
N GLN A 250 -0.83 22.46 -15.96
CA GLN A 250 -1.94 23.27 -16.46
C GLN A 250 -2.63 23.87 -15.23
N PHE A 251 -2.76 25.19 -15.18
CA PHE A 251 -3.13 25.81 -13.90
C PHE A 251 -3.79 27.14 -14.18
N SER A 252 -4.34 27.73 -13.12
CA SER A 252 -5.02 29.01 -13.23
C SER A 252 -4.30 30.16 -12.54
N SER A 253 -3.21 29.90 -11.81
CA SER A 253 -2.49 30.97 -11.13
C SER A 253 -1.01 30.62 -11.08
N VAL A 254 -0.16 31.66 -10.99
CA VAL A 254 1.28 31.49 -11.04
C VAL A 254 1.90 32.26 -9.88
N GLY A 255 2.75 31.59 -9.10
CA GLY A 255 3.46 32.27 -8.02
C GLY A 255 4.82 32.77 -8.46
N SER A 256 5.54 33.38 -7.51
N SER A 256 5.53 33.38 -7.50
CA SER A 256 6.91 33.83 -7.75
CA SER A 256 6.92 33.80 -7.70
C SER A 256 7.84 32.62 -7.71
C SER A 256 7.82 32.58 -7.71
N LEU A 257 8.43 32.27 -8.85
CA LEU A 257 9.23 31.06 -8.98
C LEU A 257 10.73 31.30 -8.88
N GLY A 258 11.19 32.55 -8.86
CA GLY A 258 12.60 32.84 -8.81
C GLY A 258 13.08 33.52 -10.08
N ALA A 259 14.34 33.97 -10.01
CA ALA A 259 14.89 34.78 -11.09
C ALA A 259 15.23 33.98 -12.33
N ASP A 260 15.24 32.65 -12.25
CA ASP A 260 15.43 31.80 -13.41
C ASP A 260 14.96 30.39 -13.06
N GLU A 261 14.94 29.54 -14.09
CA GLU A 261 14.32 28.22 -13.99
C GLU A 261 15.08 27.29 -13.05
N SER A 262 16.39 27.50 -12.89
CA SER A 262 17.16 26.63 -12.00
C SER A 262 16.81 26.84 -10.54
N LYS A 263 16.13 27.94 -10.19
CA LYS A 263 15.86 28.25 -8.80
C LYS A 263 14.89 27.25 -8.18
N TRP A 264 13.87 26.82 -8.92
CA TRP A 264 12.86 25.94 -8.37
C TRP A 264 12.18 25.13 -9.46
N LEU A 265 11.77 25.81 -10.54
CA LEU A 265 10.92 25.17 -11.55
C LEU A 265 11.57 23.93 -12.13
N CYS A 266 12.79 24.06 -12.62
CA CYS A 266 13.46 22.96 -13.30
C CYS A 266 14.46 22.24 -12.43
N SER A 267 14.56 22.58 -11.14
CA SER A 267 15.51 21.94 -10.24
C SER A 267 14.83 20.99 -9.26
N GLU A 268 13.81 21.41 -8.54
CA GLU A 268 13.11 20.48 -7.67
C GLU A 268 11.69 20.15 -8.14
N PHE A 269 10.96 21.10 -8.73
CA PHE A 269 9.61 20.81 -9.17
C PHE A 269 9.60 19.86 -10.36
N LYS A 270 10.32 20.21 -11.43
CA LYS A 270 10.39 19.33 -12.59
C LYS A 270 11.01 17.98 -12.23
N GLU A 271 12.01 17.99 -11.34
CA GLU A 271 12.68 16.75 -10.98
C GLU A 271 11.73 15.79 -10.30
N SER A 272 10.86 16.29 -9.42
CA SER A 272 9.84 15.42 -8.84
C SER A 272 8.88 14.90 -9.91
N MET A 273 8.45 15.77 -10.83
CA MET A 273 7.49 15.41 -11.86
C MET A 273 8.02 14.40 -12.86
N LEU A 274 9.35 14.37 -13.09
N LEU A 274 9.33 14.34 -13.10
CA LEU A 274 9.97 13.44 -14.02
CA LEU A 274 9.85 13.40 -14.06
C LEU A 274 10.15 12.04 -13.44
C LEU A 274 10.24 12.06 -13.44
N THR A 275 10.04 11.90 -12.12
CA THR A 275 10.33 10.62 -11.47
C THR A 275 9.51 9.49 -12.05
N LEU A 276 10.17 8.35 -12.35
CA LEU A 276 9.46 7.11 -12.67
C LEU A 276 10.30 5.94 -12.19
N GLY A 277 9.77 5.13 -11.29
CA GLY A 277 10.48 3.93 -10.87
C GLY A 277 11.52 4.21 -9.80
N LYS A 278 12.17 3.14 -9.36
CA LYS A 278 13.02 3.20 -8.18
C LYS A 278 14.50 3.45 -8.49
N GLU A 279 14.92 3.27 -9.73
CA GLU A 279 16.28 3.50 -10.16
C GLU A 279 16.51 5.00 -10.39
N SER A 280 17.78 5.37 -10.59
CA SER A 280 18.11 6.74 -10.97
C SER A 280 18.77 6.77 -12.34
N SER A 286 17.95 18.16 -17.18
CA SER A 286 17.21 17.15 -17.94
C SER A 286 16.73 17.64 -19.30
N SER A 287 16.67 16.70 -20.24
CA SER A 287 16.19 16.98 -21.58
C SER A 287 14.68 16.83 -21.71
N VAL A 288 13.98 16.54 -20.61
CA VAL A 288 12.55 16.29 -20.67
C VAL A 288 11.86 17.61 -20.99
N PRO A 289 11.04 17.67 -22.05
CA PRO A 289 10.30 18.91 -22.35
C PRO A 289 9.25 19.18 -21.29
N LEU A 290 9.10 20.45 -20.94
CA LEU A 290 8.11 20.89 -19.97
C LEU A 290 7.15 21.84 -20.66
N TYR A 291 5.88 21.46 -20.73
CA TYR A 291 4.82 22.26 -21.34
C TYR A 291 3.95 22.81 -20.22
N LEU A 292 3.84 24.14 -20.13
CA LEU A 292 2.94 24.77 -19.17
C LEU A 292 1.79 25.44 -19.92
N ILE A 293 0.56 25.14 -19.51
CA ILE A 293 -0.64 25.63 -20.18
C ILE A 293 -1.29 26.66 -19.27
N TYR A 294 -1.41 27.90 -19.76
CA TYR A 294 -1.99 28.98 -18.99
C TYR A 294 -2.63 30.00 -19.93
N PRO A 295 -3.86 30.46 -19.68
CA PRO A 295 -4.58 31.27 -20.68
C PRO A 295 -3.84 32.54 -21.08
N SER A 296 -3.73 32.75 -22.39
CA SER A 296 -3.27 34.02 -22.95
C SER A 296 -4.34 35.13 -22.80
N VAL A 297 -3.94 36.37 -23.02
CA VAL A 297 -4.90 37.48 -23.01
C VAL A 297 -6.01 37.23 -24.03
N GLU A 298 -5.63 36.75 -25.22
N GLU A 298 -5.65 36.74 -25.22
CA GLU A 298 -6.62 36.46 -26.26
CA GLU A 298 -6.66 36.50 -26.24
C GLU A 298 -7.59 35.37 -25.82
C GLU A 298 -7.59 35.35 -25.86
N ASN A 299 -7.07 34.32 -25.15
CA ASN A 299 -7.94 33.28 -24.61
C ASN A 299 -9.02 33.89 -23.73
N VAL A 300 -8.62 34.81 -22.87
CA VAL A 300 -9.56 35.39 -21.91
C VAL A 300 -10.54 36.32 -22.63
N ARG A 301 -10.02 37.23 -23.46
CA ARG A 301 -10.87 38.18 -24.19
C ARG A 301 -11.99 37.48 -24.96
N THR A 302 -11.69 36.41 -25.67
CA THR A 302 -12.70 35.77 -26.50
C THR A 302 -13.46 34.66 -25.77
N SER A 303 -13.34 34.57 -24.44
CA SER A 303 -14.02 33.51 -23.70
C SER A 303 -15.51 33.84 -23.50
N LEU A 304 -16.24 32.82 -23.02
CA LEU A 304 -17.68 32.97 -22.75
C LEU A 304 -17.95 34.13 -21.81
N GLU A 305 -17.17 34.22 -20.73
CA GLU A 305 -17.35 35.33 -19.79
C GLU A 305 -16.67 36.61 -20.23
N GLY A 306 -15.71 36.54 -21.16
CA GLY A 306 -14.96 37.72 -21.54
C GLY A 306 -13.89 38.03 -20.50
N TYR A 307 -13.49 39.30 -20.45
CA TYR A 307 -12.45 39.70 -19.49
C TYR A 307 -12.76 39.34 -18.03
N PRO A 308 -14.01 39.37 -17.53
CA PRO A 308 -14.24 39.01 -16.12
C PRO A 308 -13.79 37.59 -15.77
N ALA A 309 -13.65 36.69 -16.74
CA ALA A 309 -13.01 35.40 -16.44
C ALA A 309 -11.63 35.59 -15.83
N GLY A 310 -10.93 36.64 -16.24
CA GLY A 310 -9.60 36.93 -15.72
C GLY A 310 -9.56 37.26 -14.25
N GLY A 311 -10.72 37.60 -13.65
CA GLY A 311 -10.80 37.77 -12.21
C GLY A 311 -10.55 36.49 -11.44
N SER A 312 -10.61 35.33 -12.10
CA SER A 312 -10.26 34.04 -11.49
C SER A 312 -8.99 33.43 -12.07
N LEU A 313 -8.15 34.24 -12.71
CA LEU A 313 -6.81 33.82 -13.14
C LEU A 313 -5.84 34.81 -12.50
N PRO A 314 -5.54 34.65 -11.21
CA PRO A 314 -4.76 35.68 -10.51
C PRO A 314 -3.27 35.48 -10.73
N TYR A 315 -2.72 36.36 -11.56
CA TYR A 315 -1.30 36.43 -11.85
C TYR A 315 -1.02 37.91 -11.91
N SER A 316 -0.29 38.44 -10.93
CA SER A 316 -0.13 39.88 -10.84
C SER A 316 1.09 40.33 -11.64
N ILE A 317 1.04 41.59 -12.09
CA ILE A 317 2.17 42.13 -12.82
C ILE A 317 3.41 42.19 -11.94
N GLN A 318 3.21 42.42 -10.63
CA GLN A 318 4.33 42.42 -9.70
C GLN A 318 5.08 41.09 -9.74
N THR A 319 4.33 39.97 -9.74
CA THR A 319 4.95 38.66 -9.88
C THR A 319 5.54 38.47 -11.28
N ALA A 320 4.76 38.82 -12.31
CA ALA A 320 5.12 38.44 -13.67
C ALA A 320 6.39 39.13 -14.14
N GLU A 321 6.57 40.40 -13.78
CA GLU A 321 7.70 41.19 -14.26
C GLU A 321 9.05 40.64 -13.76
N LYS A 322 9.06 39.89 -12.66
CA LYS A 322 10.31 39.32 -12.15
C LYS A 322 10.70 38.00 -12.81
N GLN A 323 9.90 37.45 -13.71
CA GLN A 323 10.15 36.11 -14.22
C GLN A 323 9.69 35.98 -15.66
N ASN A 324 10.05 36.96 -16.50
CA ASN A 324 9.70 36.88 -17.92
C ASN A 324 10.26 35.61 -18.58
N TRP A 325 11.34 35.07 -18.04
CA TRP A 325 11.89 33.80 -18.54
C TRP A 325 10.84 32.70 -18.57
N LEU A 326 9.90 32.73 -17.64
CA LEU A 326 8.92 31.65 -17.52
C LEU A 326 7.94 31.62 -18.69
N HIS A 327 7.64 32.77 -19.27
CA HIS A 327 6.57 32.79 -20.26
C HIS A 327 6.95 32.12 -21.57
N SER A 328 8.23 31.81 -21.76
N SER A 328 8.23 31.81 -21.76
CA SER A 328 8.62 31.01 -22.93
CA SER A 328 8.62 31.00 -22.91
C SER A 328 8.23 29.54 -22.78
C SER A 328 8.19 29.55 -22.80
N TYR A 329 7.73 29.12 -21.62
CA TYR A 329 7.19 27.78 -21.43
C TYR A 329 5.67 27.72 -21.61
N PHE A 330 5.00 28.86 -21.82
CA PHE A 330 3.54 28.90 -21.78
C PHE A 330 2.92 28.51 -23.11
N HIS A 331 1.84 27.73 -23.02
CA HIS A 331 1.04 27.29 -24.15
C HIS A 331 -0.41 27.73 -23.92
N LYS A 332 -1.13 27.98 -25.03
CA LYS A 332 -2.49 28.49 -24.95
C LYS A 332 -3.44 27.44 -24.40
N TRP A 333 -4.56 27.92 -23.84
CA TRP A 333 -5.64 27.01 -23.47
C TRP A 333 -6.41 26.63 -24.72
N SER A 334 -6.51 25.33 -25.00
CA SER A 334 -7.34 24.86 -26.09
C SER A 334 -8.01 23.57 -25.68
N ALA A 335 -9.31 23.44 -25.94
CA ALA A 335 -10.07 22.29 -25.43
C ALA A 335 -11.19 21.90 -26.39
N GLU A 336 -10.88 21.82 -27.69
CA GLU A 336 -11.88 21.38 -28.66
C GLU A 336 -12.39 19.98 -28.35
N THR A 337 -11.53 19.13 -27.79
CA THR A 337 -11.93 17.75 -27.45
C THR A 337 -13.11 17.72 -26.50
N SER A 338 -13.26 18.72 -25.62
CA SER A 338 -14.40 18.80 -24.71
C SER A 338 -15.30 20.00 -24.98
N GLY A 339 -15.17 20.63 -26.15
CA GLY A 339 -15.97 21.80 -26.47
C GLY A 339 -15.75 23.00 -25.56
N ARG A 340 -14.59 23.11 -24.91
CA ARG A 340 -14.41 24.07 -23.82
C ARG A 340 -13.26 25.04 -24.07
N SER A 341 -12.92 25.29 -25.35
CA SER A 341 -11.86 26.26 -25.63
C SER A 341 -12.19 27.66 -25.11
N ASN A 342 -13.48 28.00 -24.99
CA ASN A 342 -13.86 29.33 -24.50
C ASN A 342 -14.36 29.31 -23.07
N ALA A 343 -14.25 28.19 -22.37
CA ALA A 343 -14.60 28.07 -20.95
C ALA A 343 -13.29 28.10 -20.17
N MET A 344 -12.99 29.24 -19.57
CA MET A 344 -11.62 29.40 -19.06
C MET A 344 -11.35 28.39 -17.94
N PRO A 345 -10.12 27.89 -17.85
CA PRO A 345 -9.83 26.82 -16.91
C PRO A 345 -9.67 27.36 -15.50
N HIS A 346 -10.33 26.72 -14.55
CA HIS A 346 -10.00 26.84 -13.16
C HIS A 346 -9.58 25.48 -12.59
N ILE A 347 -9.74 24.41 -13.37
CA ILE A 347 -9.10 23.12 -13.10
C ILE A 347 -7.57 23.29 -13.11
N LYS A 348 -6.89 22.46 -12.32
CA LYS A 348 -5.44 22.30 -12.42
C LYS A 348 -5.14 20.84 -12.67
N THR A 349 -4.22 20.57 -13.59
CA THR A 349 -3.86 19.19 -13.92
C THR A 349 -2.38 19.11 -14.27
N TYR A 350 -1.82 17.93 -14.08
CA TYR A 350 -0.42 17.62 -14.34
C TYR A 350 -0.41 16.21 -14.88
N MET A 351 0.45 15.93 -15.84
CA MET A 351 0.41 14.61 -16.45
C MET A 351 1.72 14.37 -17.21
N ARG A 352 1.92 13.11 -17.61
CA ARG A 352 3.18 12.67 -18.21
C ARG A 352 2.86 11.93 -19.51
N PRO A 353 2.70 12.65 -20.60
CA PRO A 353 2.36 11.99 -21.87
C PRO A 353 3.58 11.40 -22.57
N SER A 354 3.29 10.49 -23.50
CA SER A 354 4.30 9.91 -24.37
C SER A 354 4.75 10.95 -25.40
N PRO A 355 5.84 10.70 -26.12
CA PRO A 355 6.36 11.74 -27.04
C PRO A 355 5.39 12.13 -28.13
N ASP A 356 4.48 11.25 -28.53
CA ASP A 356 3.46 11.58 -29.51
C ASP A 356 2.10 11.85 -28.87
N PHE A 357 2.04 11.98 -27.54
CA PHE A 357 0.84 12.38 -26.78
C PHE A 357 -0.32 11.42 -26.96
N SER A 358 -0.05 10.19 -27.40
CA SER A 358 -1.09 9.17 -27.54
C SER A 358 -1.36 8.39 -26.25
N LYS A 359 -0.43 8.42 -25.31
CA LYS A 359 -0.50 7.68 -24.05
C LYS A 359 -0.06 8.63 -22.94
N ILE A 360 -0.45 8.33 -21.69
CA ILE A 360 0.08 9.06 -20.54
C ILE A 360 0.49 8.06 -19.48
N ALA A 361 1.58 8.37 -18.76
CA ALA A 361 2.06 7.51 -17.69
C ALA A 361 1.33 7.75 -16.37
N TRP A 362 0.65 8.88 -16.23
CA TRP A 362 -0.13 9.24 -15.05
C TRP A 362 -0.82 10.58 -15.27
N PHE A 363 -1.85 10.84 -14.43
CA PHE A 363 -2.65 12.05 -14.51
C PHE A 363 -3.02 12.49 -13.10
N LEU A 364 -2.88 13.78 -12.82
CA LEU A 364 -3.22 14.33 -11.51
C LEU A 364 -4.19 15.50 -11.71
N VAL A 365 -5.31 15.51 -10.99
CA VAL A 365 -6.17 16.68 -10.91
C VAL A 365 -6.13 17.17 -9.47
N THR A 366 -6.02 18.49 -9.29
CA THR A 366 -5.69 19.02 -7.98
C THR A 366 -6.12 20.48 -7.87
N SER A 367 -6.07 21.00 -6.65
CA SER A 367 -6.21 22.44 -6.42
C SER A 367 -4.87 23.18 -6.52
N ALA A 368 -3.74 22.48 -6.64
CA ALA A 368 -2.42 23.10 -6.57
C ALA A 368 -2.07 23.83 -7.87
N ASN A 369 -1.79 25.13 -7.77
CA ASN A 369 -1.33 25.95 -8.87
C ASN A 369 0.19 25.85 -9.01
N LEU A 370 0.75 26.63 -9.94
CA LEU A 370 2.19 26.55 -10.18
C LEU A 370 2.88 27.50 -9.21
N SER A 371 3.13 27.03 -8.00
CA SER A 371 3.66 27.92 -6.98
C SER A 371 4.32 27.11 -5.88
N LYS A 372 5.37 27.70 -5.28
CA LYS A 372 6.06 27.09 -4.15
C LYS A 372 5.14 26.94 -2.94
N ALA A 373 4.20 27.88 -2.77
CA ALA A 373 3.28 27.84 -1.63
C ALA A 373 2.52 26.51 -1.59
N ALA A 374 2.08 26.05 -2.75
CA ALA A 374 1.25 24.86 -2.90
C ALA A 374 2.06 23.57 -2.93
N TRP A 375 3.18 23.56 -3.66
CA TRP A 375 3.91 22.32 -3.88
C TRP A 375 5.05 22.14 -2.88
N GLY A 376 5.50 23.22 -2.28
CA GLY A 376 6.58 23.11 -1.33
C GLY A 376 7.90 23.54 -1.92
N ALA A 377 8.77 24.08 -1.07
CA ALA A 377 10.12 24.47 -1.46
C ALA A 377 11.11 23.93 -0.45
N LEU A 378 12.22 23.38 -0.95
CA LEU A 378 13.25 22.82 -0.09
C LEU A 378 13.97 23.92 0.69
N GLU A 379 14.27 23.63 1.95
CA GLU A 379 14.96 24.56 2.83
C GLU A 379 16.00 23.77 3.60
N LYS A 380 16.89 24.49 4.27
CA LYS A 380 17.88 23.90 5.17
C LYS A 380 18.74 22.86 4.47
N ASN A 381 19.37 23.29 3.37
CA ASN A 381 20.34 22.46 2.63
C ASN A 381 19.67 21.19 2.12
N GLY A 382 18.45 21.34 1.60
CA GLY A 382 17.70 20.24 1.01
C GLY A 382 17.07 19.26 1.98
N THR A 383 17.11 19.50 3.28
CA THR A 383 16.63 18.52 4.24
C THR A 383 15.21 18.79 4.75
N GLN A 384 14.61 19.91 4.36
CA GLN A 384 13.30 20.26 4.90
C GLN A 384 12.43 20.81 3.78
N LEU A 385 11.18 20.34 3.71
CA LEU A 385 10.23 20.84 2.72
C LEU A 385 9.23 21.75 3.42
N MET A 386 9.20 23.03 3.01
CA MET A 386 8.31 24.03 3.57
C MET A 386 7.12 24.25 2.63
N ILE A 387 5.92 24.07 3.18
CA ILE A 387 4.66 24.26 2.48
C ILE A 387 3.86 25.32 3.24
N ARG A 388 3.25 26.26 2.50
CA ARG A 388 2.47 27.32 3.13
C ARG A 388 0.97 27.07 3.14
N SER A 389 0.45 26.26 2.23
N SER A 389 0.45 26.25 2.24
CA SER A 389 -0.99 26.23 1.96
CA SER A 389 -0.96 26.20 1.92
C SER A 389 -1.53 24.80 2.00
C SER A 389 -1.53 24.80 2.07
N TYR A 390 -2.86 24.71 2.10
CA TYR A 390 -3.58 23.44 2.00
C TYR A 390 -3.97 23.22 0.55
N GLU A 391 -3.74 22.00 0.05
CA GLU A 391 -4.10 21.63 -1.32
C GLU A 391 -4.45 20.15 -1.32
N LEU A 392 -5.27 19.76 -2.29
CA LEU A 392 -5.65 18.35 -2.37
C LEU A 392 -5.95 17.97 -3.81
N GLY A 393 -5.50 16.79 -4.21
CA GLY A 393 -5.84 16.30 -5.54
C GLY A 393 -5.76 14.78 -5.55
N VAL A 394 -6.06 14.18 -6.70
CA VAL A 394 -6.03 12.72 -6.79
C VAL A 394 -5.22 12.32 -8.00
N LEU A 395 -4.42 11.28 -7.83
CA LEU A 395 -3.47 10.81 -8.83
C LEU A 395 -3.97 9.50 -9.41
N PHE A 396 -4.03 9.44 -10.75
CA PHE A 396 -4.42 8.23 -11.48
C PHE A 396 -3.14 7.61 -12.01
N LEU A 397 -2.80 6.40 -11.50
CA LEU A 397 -1.64 5.62 -11.90
C LEU A 397 -2.10 4.37 -12.64
N PRO A 398 -1.54 4.09 -13.83
CA PRO A 398 -1.95 2.87 -14.57
C PRO A 398 -1.85 1.59 -13.76
N SER A 399 -0.82 1.46 -12.92
CA SER A 399 -0.65 0.28 -12.09
C SER A 399 -1.85 0.03 -11.19
N ALA A 400 -2.54 1.09 -10.78
CA ALA A 400 -3.72 0.97 -9.92
C ALA A 400 -4.94 0.43 -10.66
N PHE A 401 -4.86 0.35 -12.00
CA PHE A 401 -5.92 -0.16 -12.86
C PHE A 401 -5.47 -1.41 -13.62
N GLY A 402 -4.34 -1.99 -13.25
CA GLY A 402 -3.83 -3.17 -13.94
C GLY A 402 -3.26 -2.89 -15.31
N LEU A 403 -2.78 -1.67 -15.54
CA LEU A 403 -2.31 -1.25 -16.86
C LEU A 403 -0.88 -0.75 -16.79
N ASP A 404 -0.23 -0.66 -17.95
CA ASP A 404 1.11 -0.07 -18.02
C ASP A 404 1.07 1.42 -18.35
N SER A 405 0.04 1.86 -19.06
CA SER A 405 -0.15 3.26 -19.39
C SER A 405 -1.62 3.43 -19.74
N PHE A 406 -2.08 4.68 -19.78
CA PHE A 406 -3.42 5.01 -20.23
C PHE A 406 -3.36 5.50 -21.68
N LYS A 407 -4.19 4.94 -22.55
N LYS A 407 -4.26 5.01 -22.52
CA LYS A 407 -4.46 5.62 -23.80
CA LYS A 407 -4.47 5.61 -23.83
C LYS A 407 -5.18 6.93 -23.50
C LYS A 407 -5.35 6.85 -23.69
N VAL A 408 -4.95 7.93 -24.35
CA VAL A 408 -5.68 9.20 -24.23
C VAL A 408 -6.96 9.11 -25.06
N LYS A 409 -8.07 9.53 -24.47
CA LYS A 409 -9.35 9.52 -25.18
C LYS A 409 -9.35 10.56 -26.29
N GLN A 410 -9.76 10.14 -27.51
CA GLN A 410 -9.71 11.03 -28.67
C GLN A 410 -10.66 12.22 -28.51
N LYS A 411 -11.90 11.96 -28.10
CA LYS A 411 -12.87 13.01 -27.82
C LYS A 411 -13.45 12.78 -26.43
N PHE A 412 -13.47 13.83 -25.61
CA PHE A 412 -13.69 13.69 -24.18
C PHE A 412 -15.06 13.07 -23.86
N PHE A 413 -16.07 13.37 -24.67
CA PHE A 413 -17.43 12.92 -24.40
C PHE A 413 -17.88 11.81 -25.34
N ALA A 414 -17.03 11.37 -26.27
CA ALA A 414 -17.40 10.29 -27.19
C ALA A 414 -16.72 8.98 -26.83
N PRO A 419 -11.58 1.58 -23.24
CA PRO A 419 -12.62 2.23 -22.44
C PRO A 419 -12.30 2.20 -20.96
N MET A 420 -12.03 0.99 -20.43
CA MET A 420 -11.42 0.86 -19.12
C MET A 420 -9.95 1.22 -19.13
N ALA A 421 -9.38 1.47 -20.31
CA ALA A 421 -7.96 1.81 -20.44
C ALA A 421 -7.74 3.16 -21.13
N THR A 422 -8.80 3.97 -21.27
CA THR A 422 -8.76 5.19 -22.09
C THR A 422 -9.09 6.40 -21.23
N PHE A 423 -8.11 7.28 -21.02
CA PHE A 423 -8.30 8.31 -20.01
C PHE A 423 -8.86 9.60 -20.62
N PRO A 424 -9.89 10.21 -20.00
CA PRO A 424 -10.45 11.44 -20.58
C PRO A 424 -9.67 12.68 -20.21
N VAL A 425 -8.64 12.99 -20.98
CA VAL A 425 -7.91 14.26 -20.88
C VAL A 425 -8.80 15.39 -21.39
N PRO A 426 -9.04 16.44 -20.59
CA PRO A 426 -10.07 17.43 -20.96
C PRO A 426 -9.65 18.55 -21.89
N TYR A 427 -8.39 18.63 -22.30
CA TYR A 427 -7.95 19.64 -23.25
C TYR A 427 -7.10 19.03 -24.36
N ASP A 428 -6.80 19.85 -25.35
CA ASP A 428 -6.16 19.40 -26.58
C ASP A 428 -4.68 19.11 -26.38
N LEU A 429 -4.21 18.05 -27.03
CA LEU A 429 -2.79 17.73 -27.11
C LEU A 429 -2.41 17.58 -28.58
N PRO A 430 -1.19 17.96 -28.97
CA PRO A 430 -0.17 18.60 -28.12
C PRO A 430 -0.59 20.03 -27.80
N PRO A 431 -0.12 20.59 -26.70
CA PRO A 431 -0.43 22.00 -26.41
C PRO A 431 0.23 22.91 -27.44
N GLU A 432 -0.43 24.03 -27.73
CA GLU A 432 0.06 24.97 -28.72
C GLU A 432 0.79 26.13 -28.05
N LEU A 433 2.04 26.35 -28.44
CA LEU A 433 2.86 27.42 -27.88
C LEU A 433 2.24 28.80 -28.17
N TYR A 434 2.46 29.73 -27.25
CA TYR A 434 2.08 31.12 -27.49
C TYR A 434 2.69 31.60 -28.80
N GLY A 435 1.92 32.38 -29.57
CA GLY A 435 2.47 33.12 -30.69
C GLY A 435 3.26 34.33 -30.21
N SER A 436 4.02 34.93 -31.15
CA SER A 436 4.92 36.01 -30.74
C SER A 436 4.17 37.22 -30.19
N LYS A 437 2.93 37.42 -30.61
CA LYS A 437 2.13 38.54 -30.09
C LYS A 437 1.30 38.15 -28.87
N ASP A 438 1.26 36.89 -28.47
CA ASP A 438 0.49 36.51 -27.30
C ASP A 438 1.21 36.89 -26.01
N ARG A 439 0.43 37.17 -24.97
CA ARG A 439 0.95 37.47 -23.65
C ARG A 439 0.15 36.68 -22.61
N PRO A 440 0.76 36.35 -21.48
CA PRO A 440 -0.01 35.67 -20.42
C PRO A 440 -1.04 36.62 -19.85
N TRP A 441 -2.20 36.06 -19.50
CA TRP A 441 -3.18 36.85 -18.77
C TRP A 441 -2.58 37.32 -17.44
N ILE A 442 -2.56 38.63 -17.25
CA ILE A 442 -2.10 39.27 -16.01
C ILE A 442 -3.27 40.10 -15.53
N TRP A 443 -3.74 39.82 -14.31
CA TRP A 443 -5.10 40.27 -13.97
C TRP A 443 -5.21 41.72 -13.54
N ASN A 444 -4.10 42.39 -13.19
CA ASN A 444 -4.24 43.73 -12.63
C ASN A 444 -3.56 44.80 -13.49
N ILE A 445 -3.59 44.60 -14.81
CA ILE A 445 -3.28 45.66 -15.77
C ILE A 445 -4.45 45.79 -16.72
N PRO A 446 -4.61 46.94 -17.37
CA PRO A 446 -5.75 47.13 -18.26
C PRO A 446 -5.53 46.58 -19.66
N TYR A 447 -6.63 46.19 -20.28
CA TYR A 447 -6.69 45.80 -21.68
C TYR A 447 -7.79 46.62 -22.33
N VAL A 448 -7.39 47.60 -23.15
CA VAL A 448 -8.33 48.56 -23.70
C VAL A 448 -8.23 48.58 -25.22
N LYS A 449 -7.54 47.59 -25.78
CA LYS A 449 -7.24 47.59 -27.22
C LYS A 449 -8.31 46.88 -28.03
N ALA A 450 -8.92 45.82 -27.49
CA ALA A 450 -9.97 45.12 -28.19
C ALA A 450 -11.00 44.65 -27.18
N PRO A 451 -12.28 44.71 -27.50
CA PRO A 451 -13.31 44.37 -26.52
C PRO A 451 -13.55 42.87 -26.43
N ASP A 452 -14.19 42.46 -25.33
CA ASP A 452 -14.42 41.04 -25.08
C ASP A 452 -15.77 40.63 -25.68
N THR A 453 -16.22 39.41 -25.37
CA THR A 453 -17.41 38.86 -25.99
C THR A 453 -18.69 39.56 -25.55
N HIS A 454 -18.62 40.40 -24.51
CA HIS A 454 -19.76 41.18 -24.05
C HIS A 454 -19.64 42.66 -24.42
N GLY A 455 -18.64 43.02 -25.23
CA GLY A 455 -18.41 44.39 -25.67
C GLY A 455 -17.63 45.29 -24.72
N ASN A 456 -16.95 44.72 -23.73
CA ASN A 456 -16.34 45.52 -22.67
C ASN A 456 -14.82 45.45 -22.72
N MET A 457 -14.19 46.44 -22.08
CA MET A 457 -12.76 46.45 -21.85
C MET A 457 -12.49 45.97 -20.43
N TRP A 458 -11.20 45.93 -20.05
CA TRP A 458 -10.77 45.51 -18.72
C TRP A 458 -9.94 46.62 -18.10
N VAL A 459 -10.47 47.27 -17.07
CA VAL A 459 -9.80 48.37 -16.39
C VAL A 459 -9.86 48.14 -14.89
N PRO A 460 -8.83 47.51 -14.29
CA PRO A 460 -8.75 47.13 -12.87
C PRO A 460 -8.85 48.30 -11.89
N ASN B 15 -13.33 -16.90 12.43
CA ASN B 15 -12.01 -16.30 12.52
C ASN B 15 -11.68 -15.48 11.29
N PRO B 16 -10.97 -14.38 11.46
CA PRO B 16 -10.49 -13.62 10.30
C PRO B 16 -9.11 -14.08 9.85
N PHE B 17 -8.38 -14.73 10.76
CA PHE B 17 -6.95 -14.86 10.55
C PHE B 17 -6.60 -16.01 9.63
N GLN B 18 -7.46 -17.04 9.56
CA GLN B 18 -7.24 -18.21 8.72
C GLN B 18 -5.86 -18.82 8.98
N PHE B 19 -5.48 -18.88 10.25
CA PHE B 19 -4.25 -19.52 10.68
C PHE B 19 -4.60 -20.85 11.34
N TYR B 20 -4.01 -21.95 10.85
CA TYR B 20 -4.37 -23.28 11.32
C TYR B 20 -3.12 -24.07 11.73
N LEU B 21 -3.35 -25.06 12.59
CA LEU B 21 -2.33 -26.07 12.85
C LEU B 21 -2.67 -27.35 12.10
N THR B 22 -1.65 -28.14 11.79
CA THR B 22 -1.89 -29.45 11.21
C THR B 22 -2.42 -30.42 12.26
N ARG B 23 -3.13 -31.44 11.77
CA ARG B 23 -3.67 -32.49 12.64
C ARG B 23 -2.55 -33.31 13.26
N VAL B 24 -2.74 -33.73 14.52
CA VAL B 24 -1.74 -34.50 15.25
C VAL B 24 -2.38 -35.82 15.68
N SER B 25 -1.77 -36.94 15.30
CA SER B 25 -2.24 -38.24 15.75
C SER B 25 -1.75 -38.49 17.17
N GLY B 26 -2.65 -38.95 18.04
CA GLY B 26 -2.28 -39.25 19.40
C GLY B 26 -2.61 -38.20 20.43
N VAL B 27 -3.35 -37.16 20.06
CA VAL B 27 -3.95 -36.24 21.02
C VAL B 27 -5.45 -36.43 20.96
N LYS B 28 -6.13 -35.94 22.00
CA LYS B 28 -7.57 -36.02 22.08
C LYS B 28 -8.21 -35.30 20.88
N PRO B 29 -9.36 -35.78 20.41
CA PRO B 29 -10.02 -35.11 19.28
C PRO B 29 -10.32 -33.64 19.51
N LYS B 30 -10.58 -33.23 20.76
CA LYS B 30 -10.72 -31.82 21.09
C LYS B 30 -9.61 -30.99 20.46
N TYR B 31 -8.38 -31.50 20.47
CA TYR B 31 -7.24 -30.73 20.01
C TYR B 31 -6.99 -30.82 18.52
N ASN B 32 -7.89 -31.46 17.76
CA ASN B 32 -7.80 -31.47 16.30
C ASN B 32 -9.02 -30.87 15.63
N SER B 33 -9.98 -30.32 16.38
CA SER B 33 -11.25 -29.88 15.79
C SER B 33 -11.03 -28.74 14.79
N GLY B 34 -10.24 -27.75 15.15
CA GLY B 34 -9.93 -26.70 14.20
C GLY B 34 -8.70 -26.93 13.35
N ALA B 35 -8.13 -28.14 13.35
CA ALA B 35 -6.87 -28.41 12.68
C ALA B 35 -7.10 -28.96 11.26
N LEU B 36 -6.06 -28.92 10.44
CA LEU B 36 -6.16 -29.34 9.05
C LEU B 36 -5.09 -30.36 8.69
N HIS B 37 -5.51 -31.42 8.00
CA HIS B 37 -4.61 -32.37 7.36
C HIS B 37 -4.44 -32.01 5.89
N ILE B 38 -3.34 -32.47 5.29
CA ILE B 38 -3.10 -32.16 3.87
C ILE B 38 -4.24 -32.66 2.99
N LYS B 39 -4.94 -33.74 3.39
CA LYS B 39 -6.07 -34.22 2.59
C LYS B 39 -7.25 -33.26 2.64
N ASP B 40 -7.43 -32.56 3.77
CA ASP B 40 -8.46 -31.53 3.85
C ASP B 40 -8.15 -30.39 2.89
N ILE B 41 -6.87 -29.97 2.84
CA ILE B 41 -6.48 -28.85 1.98
C ILE B 41 -6.76 -29.17 0.51
N LEU B 42 -6.43 -30.38 0.07
CA LEU B 42 -6.60 -30.74 -1.34
C LEU B 42 -7.98 -31.30 -1.64
N SER B 43 -8.90 -31.27 -0.69
CA SER B 43 -10.21 -31.87 -0.87
C SER B 43 -11.02 -31.14 -1.94
N PRO B 44 -11.95 -31.82 -2.60
N PRO B 44 -11.95 -31.82 -2.60
CA PRO B 44 -12.83 -31.13 -3.57
CA PRO B 44 -12.82 -31.12 -3.57
C PRO B 44 -13.73 -30.08 -2.94
C PRO B 44 -13.71 -30.07 -2.93
N LEU B 45 -13.88 -30.09 -1.61
CA LEU B 45 -14.65 -29.06 -0.94
C LEU B 45 -14.00 -27.68 -1.05
N PHE B 46 -12.69 -27.63 -1.30
CA PHE B 46 -11.96 -26.38 -1.44
C PHE B 46 -11.95 -25.85 -2.87
N GLY B 47 -12.62 -26.52 -3.81
CA GLY B 47 -12.61 -26.14 -5.21
C GLY B 47 -12.29 -27.32 -6.11
N THR B 48 -12.49 -27.10 -7.42
CA THR B 48 -12.32 -28.12 -8.45
C THR B 48 -10.95 -27.93 -9.11
N LEU B 49 -9.99 -28.79 -8.75
CA LEU B 49 -8.59 -28.54 -9.03
C LEU B 49 -8.24 -28.71 -10.51
N VAL B 50 -7.48 -27.75 -11.04
CA VAL B 50 -7.05 -27.73 -12.43
C VAL B 50 -5.54 -27.96 -12.55
N SER B 51 -4.75 -27.33 -11.68
N SER B 51 -4.76 -27.36 -11.65
CA SER B 51 -3.33 -27.59 -11.58
CA SER B 51 -3.31 -27.48 -11.62
C SER B 51 -2.86 -27.10 -10.22
C SER B 51 -2.84 -27.03 -10.24
N SER B 52 -1.61 -27.41 -9.89
CA SER B 52 -1.07 -26.96 -8.62
C SER B 52 0.44 -26.86 -8.71
N ALA B 53 1.00 -26.10 -7.78
CA ALA B 53 2.44 -25.96 -7.63
C ALA B 53 2.73 -26.23 -6.18
N GLN B 54 3.70 -27.10 -5.93
CA GLN B 54 4.14 -27.41 -4.57
C GLN B 54 5.57 -26.91 -4.43
N PHE B 55 5.74 -25.82 -3.68
CA PHE B 55 7.06 -25.37 -3.28
C PHE B 55 7.39 -26.07 -1.98
N ASN B 56 8.58 -26.67 -1.90
CA ASN B 56 8.96 -27.32 -0.64
C ASN B 56 10.46 -27.61 -0.66
N TYR B 57 10.92 -28.21 0.43
CA TYR B 57 12.30 -28.64 0.58
C TYR B 57 12.46 -30.12 0.32
N CYS B 58 11.65 -30.95 0.98
CA CYS B 58 11.71 -32.40 0.86
C CYS B 58 10.36 -32.92 0.36
N PHE B 59 10.38 -33.95 -0.48
CA PHE B 59 9.18 -34.50 -1.10
C PHE B 59 9.23 -36.02 -1.02
N ASP B 60 8.12 -36.65 -0.65
CA ASP B 60 7.88 -38.07 -0.87
C ASP B 60 6.81 -38.13 -1.94
N VAL B 61 7.25 -38.19 -3.20
CA VAL B 61 6.34 -37.99 -4.33
C VAL B 61 5.21 -39.01 -4.31
N ASP B 62 5.55 -40.28 -4.02
N ASP B 62 5.52 -40.27 -3.98
CA ASP B 62 4.53 -41.32 -3.93
CA ASP B 62 4.45 -41.27 -3.97
C ASP B 62 3.47 -40.96 -2.89
C ASP B 62 3.43 -40.98 -2.87
N TRP B 63 3.91 -40.60 -1.67
CA TRP B 63 2.97 -40.20 -0.62
C TRP B 63 2.19 -38.95 -1.04
N LEU B 64 2.86 -38.00 -1.70
CA LEU B 64 2.21 -36.74 -2.06
C LEU B 64 1.01 -36.97 -2.97
N VAL B 65 1.20 -37.72 -4.06
CA VAL B 65 0.12 -37.93 -5.01
C VAL B 65 -1.08 -38.59 -4.34
N LYS B 66 -0.81 -39.48 -3.38
CA LYS B 66 -1.90 -40.12 -2.63
C LYS B 66 -2.67 -39.14 -1.75
N GLN B 67 -2.12 -37.96 -1.48
CA GLN B 67 -2.83 -36.96 -0.69
C GLN B 67 -3.87 -36.20 -1.51
N TYR B 68 -3.67 -36.11 -2.82
CA TYR B 68 -4.70 -35.54 -3.68
C TYR B 68 -5.85 -36.53 -3.83
N PRO B 69 -7.09 -36.03 -3.91
CA PRO B 69 -8.20 -36.94 -4.21
C PRO B 69 -7.97 -37.64 -5.52
N PRO B 70 -8.45 -38.88 -5.65
CA PRO B 70 -8.18 -39.65 -6.88
C PRO B 70 -8.60 -38.93 -8.15
N GLU B 71 -9.72 -38.19 -8.11
CA GLU B 71 -10.18 -37.43 -9.27
C GLU B 71 -9.19 -36.36 -9.71
N PHE B 72 -8.31 -35.91 -8.81
CA PHE B 72 -7.35 -34.85 -9.11
C PHE B 72 -5.94 -35.37 -9.34
N ARG B 73 -5.73 -36.68 -9.22
CA ARG B 73 -4.38 -37.22 -9.23
C ARG B 73 -3.67 -37.04 -10.57
N LYS B 74 -4.40 -36.87 -11.66
CA LYS B 74 -3.78 -36.69 -12.96
C LYS B 74 -3.68 -35.22 -13.41
N LYS B 75 -4.11 -34.28 -12.57
CA LYS B 75 -3.93 -32.87 -12.91
C LYS B 75 -2.45 -32.51 -12.84
N PRO B 76 -2.00 -31.55 -13.66
CA PRO B 76 -0.57 -31.18 -13.64
C PRO B 76 -0.12 -30.72 -12.26
N ILE B 77 1.08 -31.11 -11.89
CA ILE B 77 1.68 -30.74 -10.61
C ILE B 77 3.11 -30.27 -10.88
N LEU B 78 3.44 -29.07 -10.40
CA LEU B 78 4.80 -28.57 -10.49
C LEU B 78 5.44 -28.66 -9.10
N LEU B 79 6.59 -29.36 -9.02
CA LEU B 79 7.38 -29.42 -7.80
C LEU B 79 8.51 -28.40 -7.90
N VAL B 80 8.53 -27.43 -6.99
CA VAL B 80 9.61 -26.45 -6.92
C VAL B 80 10.52 -26.84 -5.77
N HIS B 81 11.79 -27.12 -6.09
CA HIS B 81 12.77 -27.70 -5.18
C HIS B 81 14.12 -27.03 -5.40
N GLY B 82 15.06 -27.27 -4.49
CA GLY B 82 16.40 -26.73 -4.62
C GLY B 82 17.50 -27.78 -4.77
N ASP B 83 17.13 -29.00 -5.14
CA ASP B 83 18.07 -30.12 -5.13
C ASP B 83 19.05 -30.08 -6.29
N LYS B 84 20.27 -30.57 -6.03
CA LYS B 84 21.38 -30.56 -6.99
C LYS B 84 22.00 -31.95 -7.10
N ARG B 85 22.67 -32.19 -8.23
CA ARG B 85 23.50 -33.38 -8.48
C ARG B 85 22.66 -34.64 -8.32
N GLU B 86 23.03 -35.61 -7.48
CA GLU B 86 22.26 -36.84 -7.48
C GLU B 86 21.04 -36.77 -6.56
N ALA B 87 21.06 -35.87 -5.58
CA ALA B 87 19.82 -35.52 -4.90
C ALA B 87 18.76 -35.08 -5.90
N LYS B 88 19.16 -34.28 -6.89
CA LYS B 88 18.24 -33.89 -7.96
C LYS B 88 17.79 -35.10 -8.77
N ALA B 89 18.74 -35.96 -9.14
CA ALA B 89 18.39 -37.13 -9.93
C ALA B 89 17.42 -38.04 -9.17
N HIS B 90 17.66 -38.22 -7.87
CA HIS B 90 16.76 -39.05 -7.08
C HIS B 90 15.33 -38.51 -7.10
N LEU B 91 15.17 -37.19 -7.06
CA LEU B 91 13.83 -36.62 -7.10
C LEU B 91 13.19 -36.78 -8.47
N HIS B 92 13.96 -36.53 -9.54
CA HIS B 92 13.48 -36.86 -10.87
C HIS B 92 13.06 -38.33 -10.96
N ALA B 93 13.85 -39.21 -10.36
CA ALA B 93 13.50 -40.64 -10.34
C ALA B 93 12.16 -40.87 -9.68
N GLN B 94 11.92 -40.24 -8.52
CA GLN B 94 10.63 -40.37 -7.85
C GLN B 94 9.48 -39.95 -8.75
N ALA B 95 9.67 -38.87 -9.52
CA ALA B 95 8.56 -38.29 -10.29
C ALA B 95 8.31 -39.00 -11.61
N LYS B 96 9.27 -39.77 -12.13
CA LYS B 96 9.11 -40.34 -13.47
C LYS B 96 7.88 -41.23 -13.64
N PRO B 97 7.42 -42.03 -12.66
CA PRO B 97 6.18 -42.79 -12.85
C PRO B 97 4.95 -41.94 -13.15
N TYR B 98 4.96 -40.65 -12.77
CA TYR B 98 3.79 -39.77 -12.86
C TYR B 98 4.02 -38.76 -13.98
N GLU B 99 3.32 -38.95 -15.10
CA GLU B 99 3.56 -38.12 -16.28
C GLU B 99 3.15 -36.67 -16.06
N ASN B 100 2.17 -36.43 -15.19
CA ASN B 100 1.66 -35.08 -14.94
C ASN B 100 2.53 -34.25 -14.01
N ILE B 101 3.66 -34.78 -13.55
CA ILE B 101 4.49 -34.10 -12.57
C ILE B 101 5.67 -33.47 -13.29
N SER B 102 5.75 -32.13 -13.20
CA SER B 102 6.88 -31.37 -13.69
C SER B 102 7.72 -30.90 -12.51
N LEU B 103 8.99 -30.60 -12.79
CA LEU B 103 9.94 -30.18 -11.77
C LEU B 103 10.57 -28.84 -12.17
N CYS B 104 10.84 -28.01 -11.17
CA CYS B 104 11.54 -26.75 -11.35
C CYS B 104 12.61 -26.64 -10.28
N GLN B 105 13.87 -26.54 -10.70
CA GLN B 105 14.99 -26.46 -9.78
C GLN B 105 15.29 -24.98 -9.50
N ALA B 106 15.00 -24.54 -8.27
CA ALA B 106 15.35 -23.19 -7.87
C ALA B 106 16.86 -23.03 -7.86
N LYS B 107 17.34 -22.02 -8.56
CA LYS B 107 18.78 -21.80 -8.61
C LYS B 107 19.28 -21.34 -7.25
N LEU B 108 20.40 -21.93 -6.82
CA LEU B 108 21.05 -21.62 -5.54
C LEU B 108 22.50 -21.32 -5.87
N ASP B 109 22.76 -20.08 -6.28
CA ASP B 109 24.07 -19.70 -6.79
C ASP B 109 24.93 -19.01 -5.74
N ILE B 110 24.54 -19.07 -4.48
CA ILE B 110 25.43 -18.76 -3.37
C ILE B 110 25.61 -20.01 -2.54
N ALA B 111 26.84 -20.24 -2.07
CA ALA B 111 27.18 -21.47 -1.36
C ALA B 111 26.34 -21.65 -0.10
N PHE B 112 25.97 -22.91 0.18
CA PHE B 112 25.31 -23.32 1.41
C PHE B 112 23.89 -22.80 1.52
N GLY B 113 23.20 -22.64 0.39
CA GLY B 113 21.82 -22.22 0.38
C GLY B 113 20.84 -23.38 0.31
N THR B 114 19.60 -23.10 0.70
CA THR B 114 18.54 -24.09 0.70
C THR B 114 17.26 -23.46 0.18
N HIS B 115 16.43 -24.26 -0.47
CA HIS B 115 15.09 -23.83 -0.85
C HIS B 115 14.14 -24.32 0.24
N HIS B 116 13.89 -23.46 1.23
CA HIS B 116 13.04 -23.83 2.37
C HIS B 116 11.56 -23.50 2.17
N THR B 117 11.26 -22.56 1.28
CA THR B 117 9.89 -22.09 1.09
C THR B 117 8.89 -23.21 0.96
N LYS B 118 7.79 -23.12 1.71
CA LYS B 118 6.73 -24.11 1.65
C LYS B 118 5.41 -23.42 1.32
N MET B 119 4.92 -23.70 0.12
CA MET B 119 3.78 -22.98 -0.41
C MET B 119 3.07 -23.89 -1.40
N MET B 120 1.74 -23.81 -1.41
CA MET B 120 0.94 -24.42 -2.47
C MET B 120 0.24 -23.34 -3.28
N LEU B 121 0.34 -23.42 -4.59
CA LEU B 121 -0.53 -22.64 -5.48
C LEU B 121 -1.55 -23.61 -6.07
N LEU B 122 -2.83 -23.30 -5.87
CA LEU B 122 -3.93 -24.20 -6.21
C LEU B 122 -4.86 -23.47 -7.16
N LEU B 123 -4.85 -23.87 -8.42
CA LEU B 123 -5.71 -23.28 -9.43
C LEU B 123 -6.97 -24.15 -9.58
N TYR B 124 -8.14 -23.53 -9.39
CA TYR B 124 -9.43 -24.18 -9.52
C TYR B 124 -10.19 -23.60 -10.70
N GLU B 125 -11.26 -24.32 -11.09
CA GLU B 125 -12.25 -23.76 -12.01
C GLU B 125 -12.88 -22.51 -11.44
N GLU B 126 -13.05 -22.45 -10.12
CA GLU B 126 -13.73 -21.33 -9.48
C GLU B 126 -12.79 -20.21 -9.05
N GLY B 127 -11.49 -20.43 -9.08
CA GLY B 127 -10.59 -19.37 -8.63
C GLY B 127 -9.22 -19.92 -8.31
N LEU B 128 -8.53 -19.22 -7.40
CA LEU B 128 -7.14 -19.50 -7.08
C LEU B 128 -6.96 -19.46 -5.58
N ARG B 129 -6.16 -20.38 -5.04
CA ARG B 129 -5.87 -20.37 -3.62
C ARG B 129 -4.36 -20.43 -3.41
N VAL B 130 -3.91 -19.73 -2.37
CA VAL B 130 -2.51 -19.73 -1.96
C VAL B 130 -2.45 -20.29 -0.54
N VAL B 131 -1.56 -21.25 -0.33
CA VAL B 131 -1.34 -21.84 0.98
C VAL B 131 0.11 -21.65 1.34
N ILE B 132 0.38 -20.98 2.45
CA ILE B 132 1.76 -20.83 2.93
C ILE B 132 1.85 -21.56 4.26
N HIS B 133 2.78 -22.49 4.37
CA HIS B 133 2.79 -23.41 5.50
C HIS B 133 4.22 -23.76 5.87
N THR B 134 4.38 -24.69 6.81
CA THR B 134 5.69 -25.03 7.35
C THR B 134 6.07 -26.50 7.21
N SER B 135 5.22 -27.35 6.63
CA SER B 135 5.48 -28.80 6.56
C SER B 135 6.17 -29.23 5.27
N ASN B 136 7.18 -30.09 5.40
CA ASN B 136 7.68 -30.83 4.25
C ASN B 136 6.61 -31.80 3.73
N LEU B 137 6.79 -32.25 2.50
CA LEU B 137 5.79 -33.10 1.87
C LEU B 137 6.17 -34.58 2.04
N ILE B 138 6.22 -34.98 3.31
CA ILE B 138 6.48 -36.35 3.72
C ILE B 138 5.51 -36.70 4.85
N HIS B 139 5.22 -37.99 5.00
CA HIS B 139 4.24 -38.42 5.99
C HIS B 139 4.57 -37.91 7.39
N ALA B 140 5.85 -37.98 7.78
CA ALA B 140 6.23 -37.67 9.14
C ALA B 140 5.95 -36.22 9.53
N ASP B 141 6.00 -35.30 8.56
CA ASP B 141 5.79 -33.89 8.89
C ASP B 141 4.35 -33.55 9.17
N TRP B 142 3.41 -34.41 8.77
CA TRP B 142 1.99 -34.19 9.00
C TRP B 142 1.43 -35.16 10.02
N HIS B 143 2.28 -35.83 10.79
CA HIS B 143 1.81 -36.90 11.65
C HIS B 143 1.73 -36.48 13.12
N GLN B 144 2.87 -36.24 13.77
CA GLN B 144 2.84 -35.89 15.18
C GLN B 144 3.64 -34.64 15.49
N LYS B 145 3.68 -33.69 14.55
CA LYS B 145 4.42 -32.44 14.73
C LYS B 145 3.47 -31.26 14.87
N THR B 146 3.96 -30.19 15.48
CA THR B 146 3.24 -28.90 15.46
C THR B 146 3.72 -28.13 14.24
N GLN B 147 2.80 -27.93 13.28
CA GLN B 147 3.04 -27.22 12.04
C GLN B 147 1.98 -26.13 11.88
N GLY B 148 2.31 -25.07 11.14
CA GLY B 148 1.37 -24.00 10.88
C GLY B 148 1.01 -23.83 9.41
N ILE B 149 -0.23 -23.37 9.16
CA ILE B 149 -0.81 -23.17 7.83
C ILE B 149 -1.54 -21.83 7.78
N TRP B 150 -1.28 -21.04 6.75
CA TRP B 150 -2.15 -19.91 6.40
C TRP B 150 -2.90 -20.25 5.11
N LEU B 151 -4.23 -20.11 5.13
CA LEU B 151 -5.07 -20.32 3.95
C LEU B 151 -5.57 -19.00 3.40
N SER B 152 -5.24 -18.71 2.14
CA SER B 152 -5.81 -17.54 1.49
C SER B 152 -7.31 -17.74 1.27
N PRO B 153 -8.07 -16.66 1.08
CA PRO B 153 -9.44 -16.83 0.58
C PRO B 153 -9.40 -17.41 -0.83
N LEU B 154 -10.59 -17.74 -1.35
CA LEU B 154 -10.72 -18.13 -2.75
C LEU B 154 -10.70 -16.86 -3.60
N TYR B 155 -9.65 -16.68 -4.36
CA TYR B 155 -9.51 -15.50 -5.20
C TYR B 155 -10.24 -15.72 -6.52
N PRO B 156 -11.23 -14.91 -6.87
CA PRO B 156 -11.91 -15.08 -8.16
C PRO B 156 -11.08 -14.55 -9.33
N ARG B 157 -11.39 -15.06 -10.53
CA ARG B 157 -10.70 -14.59 -11.73
C ARG B 157 -11.25 -13.21 -12.11
N ILE B 158 -10.38 -12.36 -12.64
CA ILE B 158 -10.83 -11.03 -13.05
C ILE B 158 -11.59 -11.17 -14.37
N ALA B 159 -12.77 -10.55 -14.44
CA ALA B 159 -13.67 -10.73 -15.58
C ALA B 159 -13.01 -10.31 -16.89
N ASP B 160 -13.47 -10.92 -18.00
CA ASP B 160 -12.92 -10.63 -19.31
C ASP B 160 -13.06 -9.15 -19.66
N GLY B 161 -12.05 -8.62 -20.36
CA GLY B 161 -12.05 -7.23 -20.77
C GLY B 161 -12.07 -6.22 -19.64
N THR B 162 -12.05 -6.65 -18.38
CA THR B 162 -12.02 -5.75 -17.24
C THR B 162 -10.58 -5.44 -16.86
N HIS B 163 -10.33 -4.19 -16.54
CA HIS B 163 -9.00 -3.71 -16.14
C HIS B 163 -9.06 -3.35 -14.66
N LYS B 164 -8.58 -4.27 -13.82
CA LYS B 164 -8.52 -4.11 -12.38
C LYS B 164 -7.14 -4.49 -11.91
N SER B 165 -6.67 -3.86 -10.83
CA SER B 165 -5.40 -4.31 -10.27
C SER B 165 -5.55 -5.67 -9.61
N GLY B 166 -6.71 -5.95 -9.02
CA GLY B 166 -6.85 -7.10 -8.14
C GLY B 166 -5.91 -7.10 -6.96
N GLU B 167 -5.45 -5.92 -6.53
CA GLU B 167 -4.42 -5.80 -5.50
C GLU B 167 -5.03 -5.56 -4.12
N SER B 168 -4.33 -6.03 -3.06
CA SER B 168 -4.81 -5.83 -1.70
C SER B 168 -4.13 -4.63 -1.06
N PRO B 169 -4.69 -4.09 0.03
CA PRO B 169 -4.00 -2.99 0.74
C PRO B 169 -2.68 -3.43 1.38
N THR B 170 -2.44 -4.72 1.51
CA THR B 170 -1.14 -5.21 1.97
C THR B 170 -0.16 -5.44 0.83
N HIS B 171 -0.57 -5.18 -0.41
CA HIS B 171 0.27 -5.33 -1.60
C HIS B 171 0.63 -6.78 -1.88
N PHE B 172 -0.22 -7.71 -1.40
CA PHE B 172 0.14 -9.13 -1.43
C PHE B 172 0.30 -9.64 -2.87
N LYS B 173 -0.55 -9.17 -3.78
CA LYS B 173 -0.47 -9.67 -5.15
C LYS B 173 0.87 -9.33 -5.80
N ALA B 174 1.23 -8.03 -5.77
CA ALA B 174 2.53 -7.61 -6.29
C ALA B 174 3.69 -8.30 -5.57
N ASP B 175 3.58 -8.49 -4.25
CA ASP B 175 4.72 -9.02 -3.50
C ASP B 175 4.93 -10.50 -3.81
N LEU B 176 3.84 -11.23 -4.04
CA LEU B 176 3.96 -12.63 -4.43
C LEU B 176 4.52 -12.76 -5.85
N ILE B 177 4.02 -11.95 -6.79
CA ILE B 177 4.59 -11.97 -8.14
C ILE B 177 6.08 -11.64 -8.08
N SER B 178 6.47 -10.69 -7.24
N SER B 178 6.47 -10.69 -7.24
CA SER B 178 7.88 -10.32 -7.13
CA SER B 178 7.88 -10.34 -7.15
C SER B 178 8.71 -11.48 -6.59
C SER B 178 8.70 -11.49 -6.60
N TYR B 179 8.16 -12.21 -5.60
CA TYR B 179 8.87 -13.36 -5.06
C TYR B 179 9.08 -14.42 -6.15
N LEU B 180 8.01 -14.77 -6.88
CA LEU B 180 8.13 -15.76 -7.95
C LEU B 180 9.02 -15.28 -9.08
N MET B 181 9.07 -13.97 -9.36
N MET B 181 9.07 -13.97 -9.35
CA MET B 181 9.94 -13.47 -10.41
CA MET B 181 9.93 -13.44 -10.40
C MET B 181 11.40 -13.66 -10.07
C MET B 181 11.40 -13.66 -10.07
N ALA B 182 11.74 -13.67 -8.77
CA ALA B 182 13.14 -13.85 -8.38
C ALA B 182 13.69 -15.22 -8.75
N TYR B 183 12.84 -16.21 -9.04
CA TYR B 183 13.32 -17.52 -9.47
C TYR B 183 13.83 -17.53 -10.91
N ASN B 184 13.37 -16.60 -11.74
N ASN B 184 13.36 -16.60 -11.74
CA ASN B 184 13.77 -16.56 -13.15
CA ASN B 184 13.74 -16.55 -13.16
C ASN B 184 13.50 -17.90 -13.84
C ASN B 184 13.50 -17.90 -13.84
N ALA B 185 12.32 -18.46 -13.59
CA ALA B 185 11.99 -19.80 -14.04
C ALA B 185 10.83 -19.77 -15.03
N PRO B 186 10.92 -20.47 -16.17
CA PRO B 186 9.80 -20.47 -17.12
C PRO B 186 8.53 -21.07 -16.54
N SER B 187 8.64 -22.14 -15.75
CA SER B 187 7.45 -22.75 -15.18
C SER B 187 6.73 -21.78 -14.24
N LEU B 188 7.47 -20.90 -13.58
CA LEU B 188 6.85 -19.98 -12.63
C LEU B 188 6.33 -18.72 -13.29
N LYS B 189 6.85 -18.35 -14.46
CA LYS B 189 6.23 -17.25 -15.21
C LYS B 189 4.79 -17.60 -15.57
N GLU B 190 4.53 -18.87 -15.86
CA GLU B 190 3.18 -19.38 -16.03
C GLU B 190 2.30 -19.12 -14.83
N TRP B 191 2.79 -19.38 -13.62
CA TRP B 191 1.95 -19.14 -12.45
C TRP B 191 1.80 -17.65 -12.21
N ILE B 192 2.82 -16.88 -12.55
CA ILE B 192 2.73 -15.42 -12.47
C ILE B 192 1.58 -14.91 -13.32
N ASP B 193 1.43 -15.44 -14.54
CA ASP B 193 0.33 -15.01 -15.39
C ASP B 193 -1.02 -15.41 -14.83
N VAL B 194 -1.12 -16.60 -14.22
CA VAL B 194 -2.35 -16.99 -13.52
C VAL B 194 -2.68 -15.99 -12.42
N ILE B 195 -1.69 -15.65 -11.60
CA ILE B 195 -1.94 -14.74 -10.48
C ILE B 195 -2.37 -13.37 -11.01
N HIS B 196 -1.70 -12.89 -12.07
CA HIS B 196 -2.10 -11.63 -12.71
C HIS B 196 -3.59 -11.62 -13.05
N LYS B 197 -4.16 -12.77 -13.40
CA LYS B 197 -5.56 -12.81 -13.82
C LYS B 197 -6.55 -12.98 -12.67
N HIS B 198 -6.10 -13.06 -11.44
CA HIS B 198 -7.00 -13.19 -10.31
C HIS B 198 -7.01 -11.93 -9.44
N ASP B 199 -8.09 -11.81 -8.66
CA ASP B 199 -8.37 -10.68 -7.76
C ASP B 199 -7.99 -11.09 -6.35
N LEU B 200 -6.84 -10.61 -5.87
CA LEU B 200 -6.33 -10.94 -4.56
C LEU B 200 -6.62 -9.86 -3.52
N SER B 201 -7.63 -9.03 -3.78
CA SER B 201 -7.78 -7.80 -3.01
C SER B 201 -8.26 -8.04 -1.58
N GLU B 202 -8.83 -9.21 -1.29
CA GLU B 202 -9.28 -9.53 0.06
C GLU B 202 -8.15 -9.96 1.00
N THR B 203 -6.92 -10.08 0.52
CA THR B 203 -5.81 -10.52 1.37
C THR B 203 -5.49 -9.48 2.46
N ASN B 204 -5.36 -9.95 3.70
N ASN B 204 -5.36 -9.95 3.70
CA ASN B 204 -5.07 -9.07 4.83
CA ASN B 204 -5.05 -9.07 4.82
C ASN B 204 -3.71 -9.32 5.47
C ASN B 204 -3.81 -9.52 5.58
N VAL B 205 -2.89 -10.20 4.90
CA VAL B 205 -1.58 -10.50 5.47
C VAL B 205 -0.52 -9.89 4.55
N TYR B 206 0.66 -9.64 5.13
CA TYR B 206 1.81 -9.18 4.37
C TYR B 206 2.75 -10.34 4.08
N LEU B 207 3.29 -10.36 2.88
CA LEU B 207 4.22 -11.44 2.51
C LEU B 207 5.64 -11.05 2.88
N ILE B 208 6.36 -11.95 3.54
CA ILE B 208 7.76 -11.74 3.89
C ILE B 208 8.57 -12.89 3.30
N GLY B 209 9.35 -12.60 2.27
CA GLY B 209 10.15 -13.61 1.63
C GLY B 209 11.65 -13.36 1.75
N SER B 210 12.42 -14.42 1.56
CA SER B 210 13.85 -14.32 1.32
C SER B 210 14.14 -14.98 -0.01
N THR B 211 15.04 -14.38 -0.78
N THR B 211 15.01 -14.36 -0.80
CA THR B 211 15.54 -15.01 -1.98
CA THR B 211 15.53 -14.99 -2.01
C THR B 211 17.05 -14.84 -2.03
C THR B 211 17.05 -14.86 -2.01
N PRO B 212 17.76 -15.78 -2.67
CA PRO B 212 19.23 -15.72 -2.64
C PRO B 212 19.76 -14.49 -3.36
N GLY B 213 20.70 -13.81 -2.74
CA GLY B 213 21.42 -12.76 -3.44
C GLY B 213 22.09 -11.79 -2.50
N ARG B 214 22.67 -10.76 -3.11
N ARG B 214 22.68 -10.77 -3.11
CA ARG B 214 23.33 -9.68 -2.39
CA ARG B 214 23.33 -9.68 -2.39
C ARG B 214 22.61 -8.40 -2.79
C ARG B 214 22.62 -8.39 -2.79
N PHE B 215 21.93 -7.77 -1.83
CA PHE B 215 20.98 -6.71 -2.10
C PHE B 215 21.46 -5.39 -1.50
N GLN B 216 21.45 -4.34 -2.31
CA GLN B 216 21.96 -3.04 -1.90
C GLN B 216 20.99 -1.95 -2.34
N GLY B 217 21.08 -0.79 -1.68
CA GLY B 217 20.25 0.34 -2.06
C GLY B 217 18.80 0.09 -1.72
N SER B 218 17.91 0.39 -2.67
CA SER B 218 16.48 0.18 -2.44
C SER B 218 16.16 -1.30 -2.29
N GLN B 219 16.77 -2.14 -3.15
CA GLN B 219 16.57 -3.58 -3.12
C GLN B 219 16.78 -4.20 -1.74
N LYS B 220 17.51 -3.53 -0.86
CA LYS B 220 17.80 -4.08 0.46
C LYS B 220 16.54 -4.35 1.26
N ASP B 221 15.47 -3.59 1.01
CA ASP B 221 14.22 -3.71 1.75
C ASP B 221 13.28 -4.78 1.22
N ASN B 222 13.65 -5.47 0.14
CA ASN B 222 12.73 -6.41 -0.48
C ASN B 222 12.63 -7.73 0.27
N TRP B 223 13.62 -8.07 1.08
CA TRP B 223 13.78 -9.45 1.53
C TRP B 223 14.29 -9.52 2.96
N GLY B 224 14.02 -10.66 3.62
CA GLY B 224 14.69 -10.99 4.86
C GLY B 224 14.29 -10.09 6.02
N HIS B 225 15.24 -9.89 6.95
CA HIS B 225 14.91 -9.10 8.12
C HIS B 225 14.79 -7.61 7.79
N PHE B 226 15.36 -7.16 6.66
CA PHE B 226 15.16 -5.78 6.23
C PHE B 226 13.73 -5.57 5.70
N ARG B 227 13.19 -6.56 5.00
CA ARG B 227 11.79 -6.53 4.61
C ARG B 227 10.89 -6.44 5.85
N LEU B 228 11.15 -7.28 6.86
CA LEU B 228 10.36 -7.20 8.09
C LEU B 228 10.46 -5.82 8.73
N LYS B 229 11.68 -5.27 8.82
CA LYS B 229 11.85 -3.95 9.43
C LYS B 229 11.06 -2.88 8.66
N LYS B 230 11.07 -2.95 7.32
CA LYS B 230 10.35 -1.93 6.57
C LYS B 230 8.86 -1.99 6.83
N LEU B 231 8.28 -3.19 6.90
CA LEU B 231 6.85 -3.32 7.17
C LEU B 231 6.49 -2.83 8.57
N LEU B 232 7.36 -3.10 9.55
CA LEU B 232 7.08 -2.68 10.93
C LEU B 232 7.14 -1.16 11.06
N LYS B 233 8.09 -0.51 10.38
CA LYS B 233 8.13 0.95 10.48
C LYS B 233 6.98 1.59 9.74
N ASP B 234 6.54 1.00 8.62
CA ASP B 234 5.49 1.60 7.82
C ASP B 234 4.08 1.27 8.28
N HIS B 235 3.85 0.13 8.94
CA HIS B 235 2.49 -0.30 9.22
C HIS B 235 2.21 -0.67 10.68
N ALA B 236 3.18 -0.54 11.56
CA ALA B 236 2.96 -0.70 12.99
C ALA B 236 3.24 0.63 13.67
N SER B 237 2.63 0.82 14.83
CA SER B 237 2.84 2.02 15.65
C SER B 237 3.59 1.66 16.92
N SER B 238 4.44 2.57 17.37
CA SER B 238 5.19 2.37 18.61
C SER B 238 4.38 2.90 19.79
N MET B 239 4.16 2.05 20.79
CA MET B 239 3.37 2.37 21.96
C MET B 239 4.26 2.94 23.05
N PRO B 240 3.67 3.50 24.12
CA PRO B 240 4.48 3.82 25.30
C PRO B 240 5.04 2.55 25.92
N ASN B 241 6.23 2.68 26.51
CA ASN B 241 6.91 1.56 27.16
C ASN B 241 7.21 0.42 26.18
N ALA B 242 7.42 0.76 24.91
CA ALA B 242 7.71 -0.27 23.90
C ALA B 242 8.97 -1.05 24.24
N GLU B 243 9.90 -0.46 25.00
CA GLU B 243 11.10 -1.17 25.44
C GLU B 243 10.80 -2.38 26.30
N SER B 244 9.60 -2.45 26.89
CA SER B 244 9.22 -3.56 27.74
C SER B 244 8.43 -4.64 27.01
N TRP B 245 8.12 -4.43 25.73
CA TRP B 245 7.46 -5.44 24.92
C TRP B 245 8.54 -6.41 24.42
N PRO B 246 8.54 -7.65 24.91
CA PRO B 246 9.55 -8.61 24.45
C PRO B 246 9.42 -8.97 22.98
N VAL B 247 10.48 -9.58 22.48
CA VAL B 247 10.51 -10.24 21.18
C VAL B 247 10.64 -11.74 21.42
N VAL B 248 9.79 -12.53 20.78
CA VAL B 248 9.79 -13.98 20.90
C VAL B 248 10.06 -14.58 19.51
N GLY B 249 11.06 -15.47 19.45
CA GLY B 249 11.34 -16.24 18.25
C GLY B 249 11.32 -17.72 18.57
N GLN B 250 10.82 -18.52 17.62
CA GLN B 250 10.51 -19.93 17.85
C GLN B 250 10.79 -20.67 16.56
N PHE B 251 11.63 -21.71 16.62
CA PHE B 251 12.21 -22.24 15.39
C PHE B 251 12.58 -23.70 15.60
N SER B 252 12.90 -24.39 14.50
CA SER B 252 13.28 -25.81 14.57
C SER B 252 14.77 -26.04 14.32
N SER B 253 15.53 -25.01 14.04
CA SER B 253 16.92 -25.20 13.65
C SER B 253 17.66 -23.88 13.87
N VAL B 254 18.97 -24.00 14.12
CA VAL B 254 19.82 -22.87 14.48
C VAL B 254 21.05 -22.92 13.60
N GLY B 255 21.43 -21.77 13.03
CA GLY B 255 22.67 -21.65 12.29
C GLY B 255 23.78 -21.06 13.16
N SER B 256 24.93 -20.84 12.52
N SER B 256 24.93 -20.86 12.53
CA SER B 256 26.05 -20.21 13.21
CA SER B 256 26.05 -20.21 13.19
C SER B 256 25.83 -18.71 13.29
C SER B 256 25.78 -18.71 13.29
N LEU B 257 25.73 -18.19 14.52
CA LEU B 257 25.41 -16.78 14.74
C LEU B 257 26.62 -15.95 15.11
N GLY B 258 27.78 -16.57 15.33
CA GLY B 258 28.99 -15.85 15.68
C GLY B 258 29.35 -16.03 17.15
N ALA B 259 30.48 -15.41 17.51
CA ALA B 259 31.11 -15.68 18.81
C ALA B 259 30.42 -15.03 19.99
N ASP B 260 29.55 -14.05 19.75
CA ASP B 260 28.78 -13.43 20.82
C ASP B 260 27.56 -12.76 20.21
N GLU B 261 26.68 -12.26 21.10
CA GLU B 261 25.41 -11.67 20.68
C GLU B 261 25.61 -10.49 19.73
N SER B 262 26.69 -9.74 19.90
CA SER B 262 26.90 -8.49 19.16
C SER B 262 27.17 -8.71 17.68
N LYS B 263 27.48 -9.94 17.26
CA LYS B 263 27.91 -10.15 15.89
C LYS B 263 26.76 -10.11 14.89
N TRP B 264 25.56 -10.49 15.31
CA TRP B 264 24.41 -10.53 14.41
C TRP B 264 23.10 -10.56 15.18
N LEU B 265 23.02 -11.40 16.21
CA LEU B 265 21.72 -11.68 16.84
C LEU B 265 21.12 -10.43 17.46
N CYS B 266 21.89 -9.72 18.29
CA CYS B 266 21.37 -8.58 19.01
C CYS B 266 21.71 -7.25 18.38
N SER B 267 22.55 -7.25 17.34
CA SER B 267 22.92 -6.02 16.67
C SER B 267 22.10 -5.75 15.41
N GLU B 268 21.80 -6.78 14.62
CA GLU B 268 21.03 -6.53 13.41
C GLU B 268 19.75 -7.34 13.34
N PHE B 269 19.73 -8.59 13.82
CA PHE B 269 18.48 -9.35 13.83
C PHE B 269 17.50 -8.75 14.82
N LYS B 270 17.92 -8.62 16.09
CA LYS B 270 17.00 -8.10 17.10
C LYS B 270 16.54 -6.68 16.77
N GLU B 271 17.42 -5.86 16.19
CA GLU B 271 17.06 -4.48 15.93
C GLU B 271 15.97 -4.35 14.87
N SER B 272 15.99 -5.20 13.84
CA SER B 272 14.87 -5.24 12.91
C SER B 272 13.59 -5.71 13.60
N MET B 273 13.69 -6.76 14.43
CA MET B 273 12.52 -7.30 15.12
C MET B 273 11.91 -6.30 16.10
N LEU B 274 12.72 -5.39 16.64
N LEU B 274 12.68 -5.38 16.66
CA LEU B 274 12.24 -4.42 17.62
CA LEU B 274 12.08 -4.48 17.63
C LEU B 274 11.44 -3.30 16.97
C LEU B 274 11.62 -3.17 17.01
N THR B 275 11.71 -3.02 15.69
CA THR B 275 11.19 -1.84 15.04
C THR B 275 9.68 -1.72 15.19
N LEU B 276 9.22 -0.50 15.43
CA LEU B 276 7.79 -0.15 15.45
C LEU B 276 7.68 1.33 15.10
N GLY B 277 6.93 1.66 14.06
CA GLY B 277 6.72 3.05 13.68
C GLY B 277 7.91 3.68 12.97
N LYS B 278 7.68 4.91 12.47
CA LYS B 278 8.68 5.61 11.67
C LYS B 278 9.61 6.48 12.50
N GLU B 279 9.46 6.46 13.82
CA GLU B 279 10.33 7.12 14.80
C GLU B 279 11.81 6.81 14.59
N SER B 280 12.64 7.22 15.54
CA SER B 280 14.02 6.76 15.57
C SER B 280 14.53 6.62 17.01
N SER B 286 20.18 -1.95 23.37
CA SER B 286 18.75 -1.97 23.65
C SER B 286 18.41 -2.89 24.82
N SER B 287 17.34 -2.57 25.54
CA SER B 287 16.97 -3.27 26.76
C SER B 287 15.81 -4.24 26.55
N VAL B 288 15.39 -4.47 25.31
CA VAL B 288 14.20 -5.29 25.05
C VAL B 288 14.53 -6.77 25.29
N PRO B 289 13.70 -7.50 26.04
CA PRO B 289 13.99 -8.92 26.28
C PRO B 289 13.72 -9.77 25.05
N LEU B 290 14.57 -10.78 24.86
CA LEU B 290 14.52 -11.65 23.69
C LEU B 290 14.36 -13.09 24.18
N TYR B 291 13.23 -13.72 23.84
CA TYR B 291 12.94 -15.11 24.22
C TYR B 291 13.03 -15.99 22.99
N LEU B 292 13.91 -16.99 23.04
CA LEU B 292 14.06 -17.95 21.93
C LEU B 292 13.52 -19.29 22.40
N ILE B 293 12.53 -19.83 21.69
CA ILE B 293 11.87 -21.08 22.06
C ILE B 293 12.44 -22.19 21.18
N TYR B 294 13.07 -23.18 21.80
CA TYR B 294 13.64 -24.31 21.03
C TYR B 294 13.66 -25.55 21.91
N PRO B 295 13.23 -26.71 21.40
CA PRO B 295 13.10 -27.91 22.24
C PRO B 295 14.39 -28.29 22.97
N SER B 296 14.24 -28.59 24.27
CA SER B 296 15.30 -29.22 25.05
C SER B 296 15.44 -30.71 24.69
N VAL B 297 16.51 -31.32 25.17
CA VAL B 297 16.63 -32.77 25.02
C VAL B 297 15.42 -33.47 25.66
N GLU B 298 15.00 -32.99 26.83
N GLU B 298 14.99 -32.99 26.83
CA GLU B 298 13.88 -33.60 27.54
CA GLU B 298 13.87 -33.62 27.52
C GLU B 298 12.57 -33.45 26.76
C GLU B 298 12.55 -33.44 26.77
N ASN B 299 12.35 -32.28 26.13
CA ASN B 299 11.16 -32.10 25.29
C ASN B 299 11.09 -33.19 24.23
N VAL B 300 12.20 -33.42 23.53
CA VAL B 300 12.24 -34.40 22.45
C VAL B 300 12.09 -35.82 23.02
N ARG B 301 12.85 -36.12 24.08
CA ARG B 301 12.86 -37.50 24.60
C ARG B 301 11.47 -37.98 24.97
N THR B 302 10.66 -37.12 25.59
CA THR B 302 9.32 -37.49 26.01
C THR B 302 8.24 -37.08 25.02
N SER B 303 8.62 -36.69 23.80
CA SER B 303 7.64 -36.31 22.81
C SER B 303 6.87 -37.52 22.30
N LEU B 304 5.80 -37.24 21.53
CA LEU B 304 4.99 -38.31 20.95
C LEU B 304 5.81 -39.23 20.06
N GLU B 305 6.78 -38.69 19.33
CA GLU B 305 7.67 -39.52 18.52
C GLU B 305 8.89 -40.01 19.28
N GLY B 306 9.24 -39.36 20.38
CA GLY B 306 10.50 -39.67 21.03
C GLY B 306 11.67 -39.08 20.26
N TYR B 307 12.83 -39.70 20.43
CA TYR B 307 14.04 -39.17 19.83
C TYR B 307 13.92 -38.93 18.32
N PRO B 308 13.26 -39.77 17.53
CA PRO B 308 13.20 -39.52 16.08
C PRO B 308 12.61 -38.17 15.72
N ALA B 309 11.86 -37.53 16.63
CA ALA B 309 11.44 -36.16 16.37
C ALA B 309 12.65 -35.24 16.18
N GLY B 310 13.77 -35.56 16.81
CA GLY B 310 14.98 -34.77 16.68
C GLY B 310 15.65 -34.84 15.32
N GLY B 311 15.27 -35.79 14.48
CA GLY B 311 15.75 -35.79 13.10
C GLY B 311 15.25 -34.61 12.31
N SER B 312 14.19 -33.95 12.79
CA SER B 312 13.66 -32.75 12.15
C SER B 312 13.92 -31.51 12.99
N LEU B 313 14.94 -31.56 13.85
CA LEU B 313 15.42 -30.41 14.62
C LEU B 313 16.92 -30.32 14.43
N PRO B 314 17.38 -29.87 13.26
CA PRO B 314 18.82 -30.01 12.91
C PRO B 314 19.73 -28.89 13.43
N TYR B 315 20.12 -29.05 14.70
CA TYR B 315 21.11 -28.21 15.36
C TYR B 315 22.35 -29.08 15.56
N SER B 316 23.43 -28.77 14.85
CA SER B 316 24.63 -29.59 14.84
C SER B 316 25.54 -29.29 16.02
N ILE B 317 26.22 -30.34 16.51
CA ILE B 317 27.17 -30.12 17.59
C ILE B 317 28.28 -29.18 17.16
N GLN B 318 28.67 -29.21 15.87
CA GLN B 318 29.71 -28.32 15.36
C GLN B 318 29.26 -26.86 15.42
N THR B 319 27.98 -26.60 15.14
CA THR B 319 27.45 -25.23 15.28
C THR B 319 27.31 -24.85 16.74
N ALA B 320 26.76 -25.74 17.56
CA ALA B 320 26.40 -25.39 18.93
C ALA B 320 27.62 -25.02 19.78
N GLU B 321 28.72 -25.78 19.65
CA GLU B 321 29.86 -25.55 20.53
C GLU B 321 30.58 -24.24 20.23
N LYS B 322 30.33 -23.62 19.09
CA LYS B 322 30.89 -22.30 18.80
C LYS B 322 30.09 -21.17 19.45
N GLN B 323 28.96 -21.45 20.07
CA GLN B 323 28.06 -20.38 20.49
C GLN B 323 27.22 -20.80 21.70
N ASN B 324 27.86 -21.36 22.73
CA ASN B 324 27.07 -21.73 23.90
C ASN B 324 26.51 -20.50 24.62
N TRP B 325 27.05 -19.30 24.35
CA TRP B 325 26.42 -18.08 24.85
C TRP B 325 24.95 -18.00 24.48
N LEU B 326 24.60 -18.55 23.32
CA LEU B 326 23.24 -18.46 22.80
C LEU B 326 22.23 -19.18 23.68
N HIS B 327 22.67 -20.22 24.38
CA HIS B 327 21.72 -21.12 25.05
C HIS B 327 21.14 -20.51 26.32
N SER B 328 21.71 -19.41 26.83
N SER B 328 21.72 -19.42 26.83
CA SER B 328 21.08 -18.70 27.93
CA SER B 328 21.09 -18.70 27.93
C SER B 328 19.79 -18.02 27.49
C SER B 328 19.82 -17.99 27.49
N TYR B 329 19.56 -17.89 26.20
CA TYR B 329 18.32 -17.30 25.68
C TYR B 329 17.22 -18.33 25.48
N PHE B 330 17.49 -19.62 25.70
CA PHE B 330 16.61 -20.67 25.23
C PHE B 330 15.53 -21.02 26.26
N HIS B 331 14.31 -21.22 25.75
CA HIS B 331 13.13 -21.57 26.51
C HIS B 331 12.53 -22.86 25.96
N LYS B 332 11.93 -23.64 26.86
CA LYS B 332 11.35 -24.93 26.49
C LYS B 332 10.17 -24.77 25.55
N TRP B 333 9.91 -25.82 24.77
CA TRP B 333 8.65 -25.93 24.05
C TRP B 333 7.53 -26.37 25.00
N SER B 334 6.46 -25.59 25.03
CA SER B 334 5.28 -25.89 25.84
C SER B 334 4.07 -25.41 25.06
N ALA B 335 3.04 -26.25 24.95
CA ALA B 335 1.89 -25.91 24.13
C ALA B 335 0.61 -26.52 24.72
N GLU B 336 0.41 -26.37 26.03
CA GLU B 336 -0.83 -26.84 26.64
C GLU B 336 -2.05 -26.18 26.02
N THR B 337 -1.92 -24.90 25.62
CA THR B 337 -3.06 -24.19 25.02
C THR B 337 -3.62 -24.91 23.81
N SER B 338 -2.78 -25.60 23.04
CA SER B 338 -3.22 -26.36 21.88
C SER B 338 -3.03 -27.87 22.05
N GLY B 339 -2.72 -28.32 23.27
CA GLY B 339 -2.58 -29.74 23.52
C GLY B 339 -1.38 -30.39 22.85
N ARG B 340 -0.38 -29.58 22.50
CA ARG B 340 0.70 -30.01 21.62
C ARG B 340 2.06 -29.94 22.28
N SER B 341 2.11 -29.93 23.63
CA SER B 341 3.42 -29.91 24.30
C SER B 341 4.27 -31.10 23.89
N ASN B 342 3.65 -32.20 23.49
CA ASN B 342 4.41 -33.39 23.08
C ASN B 342 4.54 -33.53 21.58
N ALA B 343 4.01 -32.58 20.81
CA ALA B 343 4.14 -32.58 19.36
C ALA B 343 5.23 -31.59 18.99
N MET B 344 6.42 -32.10 18.65
CA MET B 344 7.57 -31.22 18.50
C MET B 344 7.32 -30.21 17.37
N PRO B 345 7.83 -28.98 17.54
CA PRO B 345 7.56 -27.93 16.55
C PRO B 345 8.45 -28.06 15.32
N HIS B 346 7.81 -28.03 14.15
CA HIS B 346 8.49 -27.69 12.90
C HIS B 346 7.99 -26.36 12.35
N ILE B 347 6.91 -25.81 12.94
CA ILE B 347 6.53 -24.42 12.73
C ILE B 347 7.64 -23.48 13.18
N LYS B 348 7.73 -22.32 12.52
CA LYS B 348 8.61 -21.24 12.96
C LYS B 348 7.73 -20.01 13.10
N THR B 349 7.83 -19.34 14.23
CA THR B 349 7.02 -18.13 14.47
C THR B 349 7.86 -17.08 15.16
N TYR B 350 7.47 -15.82 14.98
CA TYR B 350 8.13 -14.69 15.61
C TYR B 350 7.00 -13.71 15.96
N MET B 351 7.11 -13.03 17.11
CA MET B 351 6.01 -12.16 17.54
C MET B 351 6.49 -11.18 18.59
N ARG B 352 5.64 -10.17 18.85
CA ARG B 352 5.98 -9.06 19.74
C ARG B 352 4.87 -8.91 20.79
N PRO B 353 4.96 -9.69 21.87
CA PRO B 353 3.91 -9.64 22.89
C PRO B 353 4.08 -8.46 23.85
N SER B 354 2.97 -8.12 24.52
CA SER B 354 3.02 -7.10 25.57
C SER B 354 3.79 -7.63 26.79
N PRO B 355 4.15 -6.74 27.72
CA PRO B 355 4.92 -7.18 28.91
C PRO B 355 4.25 -8.26 29.73
N ASP B 356 2.92 -8.30 29.80
CA ASP B 356 2.23 -9.38 30.49
C ASP B 356 1.74 -10.46 29.55
N PHE B 357 2.19 -10.45 28.28
CA PHE B 357 1.88 -11.49 27.29
C PHE B 357 0.39 -11.62 27.01
N SER B 358 -0.38 -10.59 27.33
CA SER B 358 -1.81 -10.63 27.06
C SER B 358 -2.17 -10.10 25.67
N LYS B 359 -1.27 -9.33 25.04
CA LYS B 359 -1.51 -8.73 23.72
C LYS B 359 -0.29 -8.99 22.85
N ILE B 360 -0.45 -8.90 21.52
CA ILE B 360 0.71 -8.93 20.65
C ILE B 360 0.60 -7.81 19.61
N ALA B 361 1.74 -7.17 19.33
CA ALA B 361 1.80 -6.12 18.32
C ALA B 361 1.82 -6.67 16.90
N TRP B 362 2.21 -7.93 16.73
CA TRP B 362 2.27 -8.56 15.40
C TRP B 362 2.68 -10.02 15.57
N PHE B 363 2.43 -10.80 14.52
CA PHE B 363 2.69 -12.23 14.52
C PHE B 363 3.10 -12.63 13.11
N LEU B 364 4.15 -13.44 13.00
CA LEU B 364 4.69 -13.93 11.74
C LEU B 364 4.80 -15.46 11.82
N VAL B 365 4.32 -16.16 10.80
CA VAL B 365 4.60 -17.59 10.65
C VAL B 365 5.36 -17.75 9.34
N THR B 366 6.40 -18.56 9.36
CA THR B 366 7.38 -18.54 8.28
C THR B 366 8.13 -19.87 8.24
N SER B 367 8.87 -20.07 7.17
CA SER B 367 9.82 -21.18 7.08
C SER B 367 11.20 -20.83 7.62
N ALA B 368 11.44 -19.56 7.95
CA ALA B 368 12.78 -19.07 8.28
C ALA B 368 13.18 -19.44 9.70
N ASN B 369 14.28 -20.16 9.83
CA ASN B 369 14.83 -20.50 11.13
C ASN B 369 15.74 -19.39 11.63
N LEU B 370 16.35 -19.61 12.79
CA LEU B 370 17.23 -18.61 13.39
C LEU B 370 18.61 -18.77 12.77
N SER B 371 18.78 -18.16 11.59
CA SER B 371 20.00 -18.32 10.81
C SER B 371 20.21 -17.09 9.94
N LYS B 372 21.49 -16.75 9.72
CA LYS B 372 21.83 -15.69 8.77
C LYS B 372 21.53 -16.09 7.34
N ALA B 373 21.54 -17.39 7.02
CA ALA B 373 21.24 -17.80 5.66
C ALA B 373 19.80 -17.50 5.28
N ALA B 374 18.89 -17.58 6.26
CA ALA B 374 17.46 -17.35 6.05
C ALA B 374 17.07 -15.89 6.12
N TRP B 375 17.65 -15.16 7.06
CA TRP B 375 17.22 -13.79 7.34
C TRP B 375 18.14 -12.75 6.71
N GLY B 376 19.36 -13.12 6.37
CA GLY B 376 20.27 -12.19 5.73
C GLY B 376 21.26 -11.61 6.71
N ALA B 377 22.48 -11.38 6.20
CA ALA B 377 23.55 -10.77 6.97
C ALA B 377 24.11 -9.60 6.18
N LEU B 378 24.40 -8.51 6.88
CA LEU B 378 24.96 -7.33 6.25
C LEU B 378 26.44 -7.55 5.90
N GLU B 379 26.84 -7.02 4.76
CA GLU B 379 28.22 -7.11 4.27
C GLU B 379 28.62 -5.76 3.69
N LYS B 380 29.93 -5.60 3.48
CA LYS B 380 30.50 -4.41 2.84
C LYS B 380 30.11 -3.14 3.59
N ASN B 381 30.41 -3.11 4.89
CA ASN B 381 30.15 -1.96 5.74
C ASN B 381 28.67 -1.56 5.74
N GLY B 382 27.81 -2.57 5.88
CA GLY B 382 26.38 -2.34 6.01
C GLY B 382 25.66 -1.97 4.74
N THR B 383 26.32 -2.05 3.58
CA THR B 383 25.74 -1.65 2.31
C THR B 383 24.97 -2.77 1.63
N GLN B 384 25.31 -4.02 1.91
CA GLN B 384 24.81 -5.18 1.19
C GLN B 384 24.16 -6.13 2.17
N LEU B 385 22.96 -6.62 1.84
CA LEU B 385 22.32 -7.70 2.58
C LEU B 385 22.51 -8.97 1.75
N MET B 386 23.24 -9.93 2.30
CA MET B 386 23.45 -11.22 1.65
C MET B 386 22.52 -12.26 2.26
N ILE B 387 21.77 -12.93 1.39
CA ILE B 387 20.82 -13.99 1.74
C ILE B 387 21.20 -15.22 0.92
N ARG B 388 21.25 -16.37 1.58
CA ARG B 388 21.63 -17.61 0.89
C ARG B 388 20.46 -18.46 0.43
N SER B 389 19.27 -18.30 1.00
N SER B 389 19.27 -18.27 0.97
CA SER B 389 18.22 -19.29 0.88
CA SER B 389 18.21 -19.28 0.87
C SER B 389 16.89 -18.66 0.46
C SER B 389 16.89 -18.65 0.43
N TYR B 390 15.96 -19.51 0.04
CA TYR B 390 14.57 -19.13 -0.20
C TYR B 390 13.75 -19.41 1.06
N GLU B 391 12.99 -18.42 1.51
CA GLU B 391 12.09 -18.55 2.65
C GLU B 391 10.81 -17.79 2.33
N LEU B 392 9.74 -18.11 3.06
CA LEU B 392 8.47 -17.44 2.86
C LEU B 392 7.61 -17.54 4.12
N GLY B 393 6.99 -16.42 4.48
CA GLY B 393 6.05 -16.38 5.60
C GLY B 393 5.04 -15.27 5.42
N VAL B 394 4.06 -15.23 6.33
CA VAL B 394 3.02 -14.20 6.29
C VAL B 394 2.99 -13.45 7.62
N LEU B 395 2.85 -12.14 7.53
CA LEU B 395 2.85 -11.27 8.71
C LEU B 395 1.43 -10.77 8.95
N PHE B 396 0.98 -10.95 10.18
CA PHE B 396 -0.30 -10.46 10.67
C PHE B 396 -0.03 -9.17 11.42
N LEU B 397 -0.56 -8.05 10.92
CA LEU B 397 -0.41 -6.76 11.57
C LEU B 397 -1.79 -6.25 12.00
N PRO B 398 -1.92 -5.73 13.22
CA PRO B 398 -3.23 -5.26 13.68
C PRO B 398 -3.83 -4.19 12.79
N SER B 399 -3.01 -3.27 12.27
CA SER B 399 -3.55 -2.22 11.40
C SER B 399 -4.26 -2.80 10.18
N ALA B 400 -3.81 -3.95 9.67
CA ALA B 400 -4.45 -4.56 8.52
C ALA B 400 -5.82 -5.14 8.84
N PHE B 401 -6.17 -5.22 10.12
CA PHE B 401 -7.48 -5.69 10.55
C PHE B 401 -8.28 -4.59 11.25
N GLY B 402 -7.85 -3.34 11.12
CA GLY B 402 -8.53 -2.25 11.79
C GLY B 402 -8.36 -2.22 13.30
N LEU B 403 -7.26 -2.78 13.82
CA LEU B 403 -7.02 -2.87 15.25
C LEU B 403 -5.67 -2.24 15.62
N ASP B 404 -5.52 -1.93 16.90
CA ASP B 404 -4.26 -1.44 17.44
C ASP B 404 -3.36 -2.56 17.94
N SER B 405 -3.93 -3.66 18.40
CA SER B 405 -3.16 -4.84 18.77
C SER B 405 -4.08 -6.05 18.73
N PHE B 406 -3.49 -7.23 18.82
CA PHE B 406 -4.24 -8.46 18.93
C PHE B 406 -4.29 -8.92 20.38
N LYS B 407 -5.46 -9.35 20.82
N LYS B 407 -5.46 -9.37 20.82
CA LYS B 407 -5.57 -10.08 22.08
CA LYS B 407 -5.58 -10.08 22.09
C LYS B 407 -5.11 -11.51 21.86
C LYS B 407 -5.19 -11.54 21.89
N VAL B 408 -4.41 -12.07 22.84
CA VAL B 408 -3.95 -13.45 22.72
C VAL B 408 -5.10 -14.38 23.08
N LYS B 409 -5.36 -15.37 22.23
CA LYS B 409 -6.41 -16.36 22.48
C LYS B 409 -6.01 -17.29 23.62
N GLN B 410 -6.94 -17.50 24.56
CA GLN B 410 -6.55 -18.19 25.80
C GLN B 410 -6.44 -19.67 25.59
N LYS B 411 -7.37 -20.23 24.87
CA LYS B 411 -7.31 -21.61 24.44
C LYS B 411 -7.39 -21.57 22.93
N PHE B 412 -6.43 -22.25 22.29
CA PHE B 412 -6.28 -22.18 20.85
C PHE B 412 -7.56 -22.64 20.13
N PHE B 413 -8.20 -23.69 20.64
CA PHE B 413 -9.36 -24.28 19.96
C PHE B 413 -10.68 -23.85 20.60
N PRO B 419 -12.77 -11.98 19.21
CA PRO B 419 -13.00 -13.00 18.18
C PRO B 419 -12.33 -12.62 16.86
N MET B 420 -12.87 -11.59 16.19
CA MET B 420 -12.12 -10.95 15.12
C MET B 420 -10.94 -10.15 15.64
N ALA B 421 -10.77 -10.08 16.97
CA ALA B 421 -9.71 -9.32 17.60
C ALA B 421 -8.70 -10.20 18.33
N THR B 422 -8.85 -11.52 18.27
CA THR B 422 -8.19 -12.45 19.19
C THR B 422 -7.35 -13.47 18.41
N PHE B 423 -6.01 -13.38 18.54
CA PHE B 423 -5.16 -14.17 17.66
C PHE B 423 -4.81 -15.51 18.30
N PRO B 424 -4.92 -16.62 17.55
CA PRO B 424 -4.59 -17.98 18.04
C PRO B 424 -3.10 -18.32 18.07
N VAL B 425 -2.43 -17.86 19.13
CA VAL B 425 -1.03 -18.22 19.40
C VAL B 425 -0.97 -19.68 19.80
N PRO B 426 -0.16 -20.51 19.12
CA PRO B 426 -0.27 -21.97 19.31
C PRO B 426 0.54 -22.55 20.49
N TYR B 427 1.43 -21.79 21.12
CA TYR B 427 2.17 -22.28 22.26
C TYR B 427 1.95 -21.36 23.45
N ASP B 428 2.45 -21.80 24.61
CA ASP B 428 2.14 -21.15 25.88
C ASP B 428 2.98 -19.90 26.08
N LEU B 429 2.35 -18.88 26.68
CA LEU B 429 3.02 -17.66 27.11
C LEU B 429 2.77 -17.43 28.60
N PRO B 430 3.77 -16.93 29.34
CA PRO B 430 5.12 -16.64 28.86
C PRO B 430 5.94 -17.92 28.66
N PRO B 431 6.98 -17.86 27.84
CA PRO B 431 7.83 -19.05 27.66
C PRO B 431 8.60 -19.37 28.94
N GLU B 432 8.88 -20.65 29.14
CA GLU B 432 9.56 -21.12 30.34
C GLU B 432 11.04 -21.33 30.05
N LEU B 433 11.90 -20.70 30.83
CA LEU B 433 13.33 -20.80 30.63
C LEU B 433 13.79 -22.25 30.86
N TYR B 434 14.86 -22.64 30.15
CA TYR B 434 15.52 -23.92 30.40
C TYR B 434 15.91 -24.02 31.87
N GLY B 435 15.81 -25.23 32.41
CA GLY B 435 16.37 -25.51 33.72
C GLY B 435 17.88 -25.70 33.67
N SER B 436 18.51 -25.66 34.86
CA SER B 436 19.96 -25.77 34.95
C SER B 436 20.50 -27.08 34.37
N LYS B 437 19.69 -28.13 34.34
CA LYS B 437 20.10 -29.40 33.76
C LYS B 437 19.66 -29.57 32.32
N ASP B 438 18.84 -28.66 31.80
CA ASP B 438 18.39 -28.77 30.42
C ASP B 438 19.51 -28.41 29.46
N ARG B 439 19.50 -29.03 28.29
CA ARG B 439 20.40 -28.67 27.21
C ARG B 439 19.60 -28.64 25.92
N PRO B 440 20.01 -27.82 24.95
CA PRO B 440 19.28 -27.79 23.67
C PRO B 440 19.40 -29.13 22.97
N TRP B 441 18.33 -29.53 22.29
CA TRP B 441 18.43 -30.68 21.40
C TRP B 441 19.52 -30.45 20.36
N ILE B 442 20.45 -31.41 20.26
CA ILE B 442 21.51 -31.37 19.26
C ILE B 442 21.41 -32.70 18.52
N TRP B 443 21.15 -32.66 17.21
CA TRP B 443 20.64 -33.84 16.53
C TRP B 443 21.72 -34.89 16.23
N ASN B 444 23.01 -34.56 16.30
CA ASN B 444 24.02 -35.47 15.76
C ASN B 444 25.04 -35.89 16.83
N ILE B 445 24.61 -35.95 18.07
CA ILE B 445 25.32 -36.67 19.13
C ILE B 445 24.38 -37.72 19.67
N PRO B 446 24.87 -38.74 20.38
CA PRO B 446 23.99 -39.78 20.87
C PRO B 446 23.40 -39.46 22.24
N TYR B 447 22.20 -40.00 22.47
CA TYR B 447 21.54 -39.97 23.78
C TYR B 447 21.23 -41.42 24.16
N VAL B 448 22.04 -41.95 25.08
CA VAL B 448 22.00 -43.36 25.44
C VAL B 448 21.77 -43.58 26.93
N LYS B 449 21.68 -42.52 27.73
CA LYS B 449 21.52 -42.72 29.16
C LYS B 449 20.07 -42.78 29.60
N ALA B 450 19.13 -42.41 28.73
CA ALA B 450 17.72 -42.43 29.09
C ALA B 450 16.88 -42.79 27.87
N PRO B 451 16.00 -43.79 27.98
CA PRO B 451 15.17 -44.15 26.83
C PRO B 451 14.04 -43.15 26.63
N ASP B 452 13.54 -43.14 25.41
CA ASP B 452 12.50 -42.19 25.04
C ASP B 452 11.12 -42.83 25.22
N THR B 453 10.12 -42.14 24.68
CA THR B 453 8.72 -42.56 24.76
C THR B 453 8.51 -43.99 24.31
N HIS B 454 9.27 -44.45 23.32
CA HIS B 454 9.08 -45.76 22.73
C HIS B 454 10.16 -46.75 23.19
N GLY B 455 10.88 -46.40 24.25
CA GLY B 455 11.91 -47.30 24.77
C GLY B 455 13.21 -47.33 23.99
N ASN B 456 13.44 -46.37 23.10
CA ASN B 456 14.59 -46.36 22.21
C ASN B 456 15.65 -45.36 22.67
N MET B 457 16.89 -45.62 22.24
CA MET B 457 17.96 -44.66 22.37
C MET B 457 18.19 -43.97 21.02
N TRP B 458 19.02 -42.92 21.02
CA TRP B 458 19.30 -42.16 19.81
C TRP B 458 20.78 -42.30 19.48
N VAL B 459 21.08 -42.92 18.35
CA VAL B 459 22.47 -43.10 17.90
C VAL B 459 22.54 -42.73 16.42
N PRO B 460 22.90 -41.48 16.06
CA PRO B 460 22.81 -40.94 14.70
C PRO B 460 23.73 -41.63 13.70
C10 TGV C . -6.23 35.90 -3.98
C13 TGV C . -9.29 37.82 -4.71
C15 TGV C . -9.21 35.90 -6.14
C21 TGV C . -2.49 34.14 -2.19
C22 TGV C . -3.77 33.79 -2.57
C24 TGV C . -7.59 31.41 -4.54
C26 TGV C . -8.66 29.35 -5.46
C02 TGV C . -6.79 29.60 -7.82
C04 TGV C . -6.76 30.59 -6.66
C05 TGV C . -5.85 31.65 -6.70
C06 TGV C . -5.82 32.58 -5.67
C07 TGV C . -6.69 32.47 -4.61
C09 TGV C . -5.86 34.63 -3.54
C11 TGV C . -7.45 36.29 -4.55
C12 TGV C . -8.09 37.45 -4.12
C14 TGV C . -9.85 37.06 -5.72
C16 TGV C . -8.02 35.53 -5.56
C18 TGV C . -4.18 35.95 -3.26
C19 TGV C . -2.87 36.32 -2.89
C25 TGV C . -7.63 30.49 -5.58
N08 TGV C . -6.67 33.42 -3.51
N17 TGV C . -5.18 36.68 -3.80
N20 TGV C . -2.06 35.39 -2.36
N23 TGV C . -4.60 34.72 -3.10
O01 TGV C . -6.64 30.02 -9.01
O03 TGV C . -6.97 28.37 -7.63
O27 TGV C . -8.58 28.55 -4.48
O28 TGV C . -9.56 29.23 -6.32
C1 EDO D . -0.39 19.23 -4.26
O1 EDO D . -0.25 18.47 -3.06
C2 EDO D . -0.93 18.31 -5.36
O2 EDO D . -2.20 17.80 -4.93
C10 TGV E . 19.89 -30.26 6.28
C13 TGV E . 19.03 -33.82 6.02
C15 TGV E . 17.40 -32.72 7.41
C21 TGV E . 21.54 -26.16 5.50
C22 TGV E . 20.36 -26.88 5.41
C24 TGV E . 15.62 -28.27 5.88
C26 TGV E . 13.20 -27.73 6.25
C02 TGV E . 13.98 -26.89 9.03
C04 TGV E . 15.00 -27.41 8.02
C05 TGV E . 16.32 -27.49 8.43
C06 TGV E . 17.31 -27.95 7.57
C07 TGV E . 16.95 -28.35 6.30
C09 TGV E . 19.35 -29.07 5.80
C11 TGV E . 19.22 -31.46 6.46
C12 TGV E . 19.69 -32.61 5.85
C14 TGV E . 17.88 -33.87 6.80
C16 TGV E . 18.07 -31.51 7.24
C18 TGV E . 21.44 -28.74 6.22
C19 TGV E . 22.63 -28.01 6.32
C25 TGV E . 14.65 -27.80 6.74
N08 TGV E . 17.97 -28.83 5.38
N17 TGV E . 21.17 -30.03 6.53
N20 TGV E . 22.66 -26.74 5.95
N23 TGV E . 20.34 -28.17 5.78
O01 TGV E . 13.07 -26.10 8.66
O03 TGV E . 14.04 -27.26 10.23
O27 TGV E . 12.30 -28.44 6.76
O28 TGV E . 12.89 -26.94 5.31
C1 EDO F . 10.87 -14.44 6.96
O1 EDO F . 9.69 -14.98 6.33
C2 EDO F . 12.09 -14.67 6.07
O2 EDO F . 11.95 -13.94 4.84
C1 EDO G . -1.95 -19.17 24.53
O1 EDO G . -0.83 -18.48 23.96
C2 EDO G . -2.03 -18.85 26.01
O2 EDO G . -0.71 -18.94 26.57
C1 EDO H . -2.45 -7.55 -13.64
O1 EDO H . -2.08 -7.66 -12.27
C2 EDO H . -3.77 -6.78 -13.76
O2 EDO H . -4.73 -7.35 -12.86
#